data_2FMN
#
_entry.id   2FMN
#
_cell.length_a   101.560
_cell.length_b   128.640
_cell.length_c   96.744
_cell.angle_alpha   90.00
_cell.angle_beta   120.87
_cell.angle_gamma   90.00
#
_symmetry.space_group_name_H-M   'C 1 2 1'
#
loop_
_entity.id
_entity.type
_entity.pdbx_description
1 polymer '5,10-methylenetetrahydrofolate reductase'
2 non-polymer 'FLAVIN-ADENINE DINUCLEOTIDE'
3 non-polymer 'N-[(5-{2-[(6R)-2-AMINO-4-OXO-3,4,5,6,7,8-HEXAHYDROPYRIDO[2,3-D]PYRIMIDIN-6-YL]ETHYL}-2-THIENYL)CARBONYL]-L-GLUTAMIC ACID'
4 water water
#
_entity_poly.entity_id   1
_entity_poly.type   'polypeptide(L)'
_entity_poly.pdbx_seq_one_letter_code
;MSFFHASQRDALNQSLAEVQGQINVSFEFFPPRTSEMEQTLWNSIDRLSSLKPKFVSVTYGANSGERDRTHSIIKGIKDR
TGLEAAPHLTCIDATPDELRTIARDYWNNGIRHIVALRGDLPPGSGKPEMYASDLVTLLKEVADFDISVAAYPEVHPEAK
SAQADLLNLKRKVDAGVNRAITQFFFDVESYLRFRDRCVSAGIDVEIIPGILPVSNFKQAKKFADMTNVRIPAWMAQMFD
GLDDDAETRKLVGANIAMDMVKILSREGVKDFHFYTLNRAEMSYAICHTLGVRPGLLEHHHHHH
;
_entity_poly.pdbx_strand_id   A,B,C
#
loop_
_chem_comp.id
_chem_comp.type
_chem_comp.name
_chem_comp.formula
4HF non-polymer 'N-[(5-{2-[(6R)-2-AMINO-4-OXO-3,4,5,6,7,8-HEXAHYDROPYRIDO[2,3-D]PYRIMIDIN-6-YL]ETHYL}-2-THIENYL)CARBONYL]-L-GLUTAMIC ACID' 'C19 H23 N5 O6 S'
FAD non-polymer 'FLAVIN-ADENINE DINUCLEOTIDE' 'C27 H33 N9 O15 P2'
#
# COMPACT_ATOMS: atom_id res chain seq x y z
N PHE A 3 1.45 3.39 -12.82
CA PHE A 3 1.55 3.18 -11.35
C PHE A 3 2.93 3.58 -10.83
N PHE A 4 3.50 4.61 -11.46
CA PHE A 4 4.81 5.12 -11.06
C PHE A 4 4.72 5.86 -9.72
N HIS A 5 3.71 6.71 -9.58
CA HIS A 5 3.52 7.47 -8.36
C HIS A 5 3.28 6.51 -7.20
N ALA A 6 2.47 5.47 -7.45
CA ALA A 6 2.15 4.48 -6.43
C ALA A 6 3.39 3.68 -6.01
N SER A 7 4.13 3.18 -7.00
CA SER A 7 5.34 2.40 -6.72
C SER A 7 6.34 3.20 -5.90
N GLN A 8 6.60 4.44 -6.34
CA GLN A 8 7.54 5.30 -5.62
C GLN A 8 7.05 5.57 -4.20
N ARG A 9 5.72 5.69 -4.05
CA ARG A 9 5.13 5.96 -2.74
C ARG A 9 5.34 4.78 -1.80
N ASP A 10 5.16 3.56 -2.33
CA ASP A 10 5.35 2.36 -1.54
C ASP A 10 6.80 2.26 -1.08
N ALA A 11 7.73 2.43 -2.01
CA ALA A 11 9.15 2.37 -1.69
C ALA A 11 9.51 3.38 -0.61
N LEU A 12 9.06 4.63 -0.79
CA LEU A 12 9.33 5.67 0.19
C LEU A 12 8.85 5.32 1.59
N ASN A 13 7.60 4.88 1.70
CA ASN A 13 7.05 4.50 3.00
C ASN A 13 7.85 3.35 3.61
N GLN A 14 8.27 2.40 2.78
CA GLN A 14 9.03 1.25 3.25
C GLN A 14 10.42 1.65 3.77
N SER A 15 11.19 2.37 2.96
CA SER A 15 12.51 2.79 3.39
C SER A 15 12.41 3.58 4.70
N LEU A 16 11.40 4.44 4.81
CA LEU A 16 11.20 5.21 6.02
C LEU A 16 10.89 4.27 7.18
N ALA A 17 10.09 3.24 6.91
CA ALA A 17 9.68 2.26 7.91
C ALA A 17 10.89 1.54 8.54
N GLU A 18 11.93 1.32 7.75
CA GLU A 18 13.12 0.64 8.26
C GLU A 18 14.24 1.59 8.68
N VAL A 19 13.96 2.89 8.67
CA VAL A 19 14.94 3.88 9.07
C VAL A 19 14.91 3.97 10.60
N GLN A 20 13.85 3.41 11.18
CA GLN A 20 13.62 3.39 12.62
C GLN A 20 14.86 3.03 13.43
N GLY A 21 15.43 4.03 14.09
CA GLY A 21 16.62 3.80 14.90
C GLY A 21 17.85 4.61 14.53
N GLN A 22 18.02 4.89 13.24
CA GLN A 22 19.19 5.64 12.77
C GLN A 22 18.92 7.13 12.56
N ILE A 23 17.86 7.65 13.17
CA ILE A 23 17.52 9.06 13.03
C ILE A 23 17.86 9.84 14.30
N ASN A 24 18.51 10.99 14.14
CA ASN A 24 18.84 11.84 15.28
C ASN A 24 17.96 13.08 15.26
N VAL A 25 17.27 13.33 16.37
CA VAL A 25 16.38 14.49 16.42
C VAL A 25 16.70 15.40 17.59
N SER A 26 16.40 16.69 17.40
CA SER A 26 16.61 17.66 18.46
C SER A 26 15.38 18.55 18.46
N PHE A 27 15.04 19.10 19.62
CA PHE A 27 13.87 19.94 19.74
C PHE A 27 14.24 21.30 20.27
N GLU A 28 13.63 22.33 19.68
CA GLU A 28 13.89 23.70 20.10
C GLU A 28 12.68 24.26 20.83
N PHE A 29 12.94 24.92 21.96
CA PHE A 29 11.89 25.54 22.75
C PHE A 29 12.21 27.02 22.97
N PHE A 30 11.22 27.76 23.46
CA PHE A 30 11.43 29.17 23.76
C PHE A 30 10.89 29.47 25.15
N PRO A 31 11.52 30.44 25.85
CA PRO A 31 11.08 30.80 27.20
C PRO A 31 9.62 31.22 27.24
N PRO A 32 8.81 30.52 28.03
CA PRO A 32 7.39 30.89 28.11
C PRO A 32 7.22 32.28 28.71
N ARG A 33 6.13 32.94 28.35
CA ARG A 33 5.86 34.28 28.83
C ARG A 33 4.65 34.36 29.77
N THR A 34 3.98 33.22 29.96
CA THR A 34 2.82 33.17 30.84
C THR A 34 2.83 31.88 31.65
N SER A 35 2.04 31.87 32.72
CA SER A 35 1.93 30.71 33.60
C SER A 35 1.40 29.54 32.78
N GLU A 36 0.46 29.83 31.89
CA GLU A 36 -0.13 28.82 31.02
C GLU A 36 0.94 28.23 30.11
N MET A 37 1.73 29.11 29.50
CA MET A 37 2.79 28.68 28.60
C MET A 37 3.77 27.75 29.31
N GLU A 38 4.10 28.05 30.56
CA GLU A 38 5.02 27.23 31.32
C GLU A 38 4.50 25.80 31.48
N GLN A 39 3.24 25.68 31.89
CA GLN A 39 2.62 24.38 32.08
C GLN A 39 2.76 23.58 30.79
N THR A 40 2.37 24.19 29.67
CA THR A 40 2.45 23.57 28.35
C THR A 40 3.87 23.14 28.02
N LEU A 41 4.83 24.03 28.25
CA LEU A 41 6.23 23.75 27.96
C LEU A 41 6.77 22.50 28.65
N TRP A 42 6.65 22.46 29.98
CA TRP A 42 7.15 21.32 30.73
C TRP A 42 6.39 20.04 30.38
N ASN A 43 5.15 20.17 29.95
CA ASN A 43 4.40 18.99 29.56
C ASN A 43 4.99 18.48 28.26
N SER A 44 5.34 19.40 27.37
CA SER A 44 5.94 19.07 26.09
C SER A 44 7.34 18.50 26.27
N ILE A 45 8.11 19.10 27.20
CA ILE A 45 9.48 18.63 27.46
C ILE A 45 9.47 17.19 27.98
N ASP A 46 8.51 16.89 28.85
CA ASP A 46 8.37 15.55 29.42
C ASP A 46 8.06 14.56 28.31
N ARG A 47 7.08 14.92 27.48
CA ARG A 47 6.64 14.08 26.38
C ARG A 47 7.77 13.81 25.38
N LEU A 48 8.36 14.88 24.86
CA LEU A 48 9.43 14.78 23.87
C LEU A 48 10.71 14.12 24.39
N SER A 49 10.98 14.25 25.69
CA SER A 49 12.19 13.65 26.27
C SER A 49 12.20 12.13 26.14
N SER A 50 11.03 11.51 26.23
CA SER A 50 10.93 10.07 26.10
C SER A 50 11.37 9.58 24.72
N LEU A 51 11.66 10.53 23.83
CA LEU A 51 12.10 10.17 22.49
C LEU A 51 13.62 10.15 22.40
N LYS A 52 14.28 10.51 23.50
CA LYS A 52 15.73 10.53 23.56
C LYS A 52 16.38 11.39 22.48
N PRO A 53 16.02 12.68 22.41
CA PRO A 53 16.62 13.55 21.40
C PRO A 53 18.12 13.71 21.66
N LYS A 54 18.91 13.83 20.61
CA LYS A 54 20.35 14.01 20.74
C LYS A 54 20.56 15.18 21.70
N PHE A 55 19.74 16.22 21.53
CA PHE A 55 19.78 17.40 22.38
C PHE A 55 18.54 18.27 22.20
N VAL A 56 18.38 19.25 23.09
CA VAL A 56 17.27 20.19 23.01
C VAL A 56 17.88 21.57 23.26
N SER A 57 17.34 22.59 22.60
CA SER A 57 17.85 23.94 22.76
C SER A 57 16.76 24.92 23.16
N VAL A 58 17.16 26.08 23.67
CA VAL A 58 16.23 27.12 24.10
C VAL A 58 16.63 28.47 23.50
N THR A 59 15.68 29.13 22.85
CA THR A 59 15.95 30.42 22.23
C THR A 59 16.46 31.46 23.23
N TYR A 60 17.15 32.48 22.72
CA TYR A 60 17.75 33.52 23.54
C TYR A 60 17.24 34.91 23.15
N GLY A 61 16.36 35.46 23.96
CA GLY A 61 15.83 36.79 23.69
C GLY A 61 16.81 37.85 24.13
N ALA A 62 16.43 39.13 24.01
CA ALA A 62 17.31 40.23 24.40
C ALA A 62 17.01 40.80 25.79
N ASN A 63 15.80 40.57 26.28
CA ASN A 63 15.42 41.07 27.60
C ASN A 63 16.30 40.42 28.68
N SER A 64 16.80 41.24 29.59
CA SER A 64 17.66 40.76 30.67
C SER A 64 16.97 39.68 31.50
N GLY A 65 15.73 39.94 31.91
CA GLY A 65 14.99 38.98 32.70
C GLY A 65 14.69 37.69 31.95
N GLU A 66 14.40 37.81 30.67
CA GLU A 66 14.09 36.65 29.83
C GLU A 66 15.31 35.78 29.60
N ARG A 67 16.48 36.40 29.54
CA ARG A 67 17.72 35.67 29.34
C ARG A 67 18.00 34.82 30.58
N ASP A 68 17.57 35.31 31.73
CA ASP A 68 17.76 34.58 32.98
C ASP A 68 16.90 33.32 32.87
N ARG A 69 15.78 33.45 32.16
CA ARG A 69 14.86 32.34 31.96
C ARG A 69 15.53 31.31 31.05
N THR A 70 16.23 31.80 30.03
CA THR A 70 16.93 30.92 29.10
C THR A 70 17.85 30.00 29.90
N HIS A 71 18.76 30.60 30.65
CA HIS A 71 19.71 29.85 31.47
C HIS A 71 18.95 28.97 32.46
N SER A 72 17.90 29.53 33.03
CA SER A 72 17.08 28.81 34.00
C SER A 72 16.48 27.53 33.40
N ILE A 73 15.67 27.71 32.35
CA ILE A 73 15.03 26.59 31.69
C ILE A 73 16.04 25.51 31.31
N ILE A 74 17.20 25.93 30.82
CA ILE A 74 18.25 24.98 30.45
C ILE A 74 18.58 24.13 31.68
N LYS A 75 18.67 24.78 32.84
CA LYS A 75 18.97 24.09 34.08
C LYS A 75 17.86 23.11 34.43
N GLY A 76 16.62 23.60 34.36
CA GLY A 76 15.48 22.76 34.66
C GLY A 76 15.52 21.50 33.82
N ILE A 77 15.61 21.69 32.50
CA ILE A 77 15.67 20.59 31.55
C ILE A 77 16.78 19.63 31.95
N LYS A 78 17.96 20.20 32.22
CA LYS A 78 19.12 19.42 32.63
C LYS A 78 18.78 18.52 33.81
N ASP A 79 18.29 19.13 34.89
CA ASP A 79 17.93 18.38 36.08
C ASP A 79 16.74 17.48 35.82
N ARG A 80 15.59 18.11 35.58
CA ARG A 80 14.33 17.41 35.33
C ARG A 80 14.40 16.15 34.47
N THR A 81 14.97 16.27 33.27
CA THR A 81 15.05 15.13 32.35
C THR A 81 16.42 14.49 32.20
N GLY A 82 17.47 15.30 32.35
CA GLY A 82 18.81 14.77 32.21
C GLY A 82 19.30 14.75 30.78
N LEU A 83 18.65 15.52 29.91
CA LEU A 83 19.04 15.58 28.51
C LEU A 83 20.01 16.73 28.27
N GLU A 84 20.77 16.66 27.18
CA GLU A 84 21.71 17.72 26.85
C GLU A 84 20.92 18.95 26.39
N ALA A 85 20.96 20.00 27.17
CA ALA A 85 20.23 21.23 26.83
C ALA A 85 21.22 22.31 26.39
N ALA A 86 21.17 22.67 25.12
CA ALA A 86 22.06 23.66 24.54
C ALA A 86 21.37 25.03 24.42
N PRO A 87 21.82 26.00 25.22
CA PRO A 87 21.23 27.35 25.20
C PRO A 87 21.66 28.10 23.96
N HIS A 88 20.80 28.99 23.48
CA HIS A 88 21.16 29.79 22.31
C HIS A 88 21.88 31.03 22.83
N LEU A 89 22.91 31.47 22.10
CA LEU A 89 23.68 32.64 22.51
C LEU A 89 23.81 33.61 21.35
N THR A 90 23.46 34.87 21.59
CA THR A 90 23.54 35.88 20.55
C THR A 90 24.61 36.94 20.87
N CYS A 91 24.88 37.80 19.90
CA CYS A 91 25.86 38.87 20.06
C CYS A 91 25.15 40.19 20.36
N ILE A 92 23.87 40.10 20.67
CA ILE A 92 23.07 41.28 20.95
C ILE A 92 23.24 41.75 22.39
N ASP A 93 23.43 43.05 22.55
CA ASP A 93 23.61 43.64 23.87
C ASP A 93 24.54 42.84 24.77
N ALA A 94 25.82 42.77 24.37
CA ALA A 94 26.79 42.04 25.15
C ALA A 94 28.20 42.31 24.63
N THR A 95 29.11 42.61 25.56
CA THR A 95 30.49 42.88 25.21
C THR A 95 31.25 41.56 25.13
N PRO A 96 32.28 41.51 24.27
CA PRO A 96 33.07 40.30 24.12
C PRO A 96 33.53 39.74 25.46
N ASP A 97 33.59 40.61 26.46
CA ASP A 97 34.02 40.24 27.80
C ASP A 97 32.91 39.57 28.60
N GLU A 98 31.70 40.09 28.47
CA GLU A 98 30.55 39.52 29.16
C GLU A 98 30.27 38.14 28.58
N LEU A 99 30.38 38.04 27.25
CA LEU A 99 30.16 36.79 26.56
C LEU A 99 31.05 35.68 27.11
N ARG A 100 32.34 35.98 27.30
CA ARG A 100 33.28 35.01 27.84
C ARG A 100 32.83 34.56 29.22
N THR A 101 32.29 35.50 29.99
CA THR A 101 31.82 35.22 31.34
C THR A 101 30.73 34.16 31.35
N ILE A 102 29.59 34.50 30.74
CA ILE A 102 28.48 33.54 30.69
C ILE A 102 28.96 32.29 29.96
N ALA A 103 29.82 32.46 28.97
CA ALA A 103 30.35 31.35 28.20
C ALA A 103 30.97 30.31 29.12
N ARG A 104 32.00 30.70 29.87
CA ARG A 104 32.65 29.77 30.76
C ARG A 104 31.80 29.49 32.00
N ASP A 105 30.83 30.37 32.25
CA ASP A 105 29.92 30.18 33.39
C ASP A 105 29.03 29.00 33.03
N TYR A 106 28.70 28.88 31.74
CA TYR A 106 27.87 27.80 31.22
C TYR A 106 28.63 26.48 31.31
N TRP A 107 29.88 26.51 30.86
CA TRP A 107 30.74 25.34 30.86
C TRP A 107 30.92 24.75 32.25
N ASN A 108 30.89 25.59 33.26
CA ASN A 108 31.06 25.13 34.64
C ASN A 108 29.76 24.53 35.17
N ASN A 109 28.66 24.78 34.47
CA ASN A 109 27.35 24.27 34.88
C ASN A 109 26.97 23.00 34.11
N GLY A 110 27.90 22.49 33.31
CA GLY A 110 27.63 21.29 32.54
C GLY A 110 27.08 21.56 31.15
N ILE A 111 27.12 22.83 30.74
CA ILE A 111 26.62 23.22 29.43
C ILE A 111 27.79 23.29 28.45
N ARG A 112 28.01 22.20 27.71
CA ARG A 112 29.11 22.13 26.74
C ARG A 112 28.69 22.33 25.29
N HIS A 113 27.39 22.49 25.06
CA HIS A 113 26.88 22.70 23.70
C HIS A 113 26.12 24.03 23.65
N ILE A 114 26.54 24.90 22.74
CA ILE A 114 25.90 26.20 22.58
C ILE A 114 25.59 26.49 21.13
N VAL A 115 24.42 27.08 20.89
CA VAL A 115 24.01 27.47 19.54
C VAL A 115 24.43 28.93 19.42
N ALA A 116 25.54 29.17 18.72
CA ALA A 116 26.05 30.53 18.56
C ALA A 116 25.40 31.27 17.40
N LEU A 117 24.80 32.42 17.74
CA LEU A 117 24.10 33.26 16.77
C LEU A 117 24.47 34.74 16.93
N ARG A 118 24.22 35.52 15.90
CA ARG A 118 24.48 36.95 15.99
C ARG A 118 23.29 37.54 16.72
N GLY A 119 22.11 37.07 16.33
CA GLY A 119 20.87 37.52 16.96
C GLY A 119 20.04 38.48 16.13
N ASP A 120 18.72 38.46 16.38
CA ASP A 120 17.82 39.37 15.67
C ASP A 120 18.14 40.76 16.22
N LEU A 121 18.22 41.75 15.33
CA LEU A 121 18.54 43.11 15.75
C LEU A 121 17.29 43.83 16.26
N PRO A 122 17.25 44.15 17.56
CA PRO A 122 16.07 44.85 18.07
C PRO A 122 15.92 46.20 17.36
N PRO A 123 14.67 46.64 17.14
CA PRO A 123 14.38 47.90 16.45
C PRO A 123 15.27 49.05 16.94
N GLU A 129 28.67 44.88 16.34
CA GLU A 129 29.95 44.96 15.65
C GLU A 129 30.40 43.59 15.15
N MET A 130 30.29 42.58 16.02
CA MET A 130 30.69 41.23 15.68
C MET A 130 29.56 40.38 15.08
N TYR A 131 29.94 39.31 14.40
CA TYR A 131 28.99 38.39 13.78
C TYR A 131 29.10 37.04 14.46
N ALA A 132 28.25 36.10 14.04
CA ALA A 132 28.24 34.75 14.59
C ALA A 132 29.65 34.15 14.54
N SER A 133 30.33 34.34 13.42
CA SER A 133 31.69 33.81 13.27
C SER A 133 32.58 34.28 14.41
N ASP A 134 32.45 35.55 14.78
CA ASP A 134 33.24 36.11 15.87
C ASP A 134 32.91 35.43 17.19
N LEU A 135 31.64 35.10 17.39
CA LEU A 135 31.21 34.45 18.63
C LEU A 135 31.73 33.02 18.69
N VAL A 136 31.81 32.36 17.54
CA VAL A 136 32.31 30.99 17.51
C VAL A 136 33.76 31.01 18.00
N THR A 137 34.57 31.84 17.34
CA THR A 137 35.98 31.99 17.69
C THR A 137 36.14 32.28 19.18
N LEU A 138 35.29 33.17 19.70
CA LEU A 138 35.33 33.55 21.11
C LEU A 138 35.04 32.39 22.05
N LEU A 139 34.12 31.52 21.65
CA LEU A 139 33.73 30.38 22.47
C LEU A 139 34.78 29.27 22.50
N LYS A 140 35.29 28.90 21.33
CA LYS A 140 36.28 27.83 21.24
C LYS A 140 37.54 28.11 22.06
N GLU A 141 37.91 29.39 22.18
CA GLU A 141 39.09 29.75 22.94
C GLU A 141 38.80 29.60 24.43
N VAL A 142 37.58 29.97 24.83
CA VAL A 142 37.18 29.85 26.23
C VAL A 142 37.17 28.36 26.61
N ALA A 143 36.84 27.52 25.64
CA ALA A 143 36.80 26.07 25.84
C ALA A 143 36.39 25.37 24.55
N ASP A 144 36.56 24.05 24.52
CA ASP A 144 36.21 23.28 23.32
C ASP A 144 34.72 22.95 23.34
N PHE A 145 33.90 23.96 23.08
CA PHE A 145 32.45 23.81 23.07
C PHE A 145 31.93 23.14 21.82
N ASP A 146 30.87 22.35 21.98
CA ASP A 146 30.23 21.72 20.84
C ASP A 146 29.36 22.88 20.37
N ILE A 147 29.54 23.32 19.14
CA ILE A 147 28.80 24.47 18.64
C ILE A 147 27.93 24.21 17.42
N SER A 148 26.72 24.77 17.47
CA SER A 148 25.75 24.68 16.37
C SER A 148 25.51 26.11 15.92
N VAL A 149 25.37 26.30 14.61
CA VAL A 149 25.11 27.62 14.05
C VAL A 149 23.96 27.55 13.05
N ALA A 150 23.45 28.71 12.66
CA ALA A 150 22.36 28.81 11.71
C ALA A 150 22.84 28.87 10.27
N ALA A 151 22.05 28.29 9.37
CA ALA A 151 22.33 28.29 7.94
C ALA A 151 21.04 28.73 7.24
N TYR A 152 21.16 29.37 6.09
CA TYR A 152 19.99 29.87 5.37
C TYR A 152 19.87 29.40 3.93
N PRO A 153 19.16 28.28 3.72
CA PRO A 153 18.94 27.72 2.38
C PRO A 153 18.42 28.74 1.37
N GLU A 154 17.62 29.68 1.85
CA GLU A 154 17.06 30.68 0.96
C GLU A 154 17.72 32.05 1.09
N VAL A 155 18.93 32.06 1.64
CA VAL A 155 19.74 33.27 1.81
C VAL A 155 19.29 34.18 2.94
N HIS A 156 20.22 34.52 3.82
CA HIS A 156 19.92 35.42 4.92
C HIS A 156 19.50 36.76 4.33
N PRO A 157 18.45 37.38 4.90
CA PRO A 157 17.91 38.67 4.47
C PRO A 157 18.93 39.77 4.22
N GLU A 158 19.97 39.84 5.04
CA GLU A 158 20.98 40.88 4.91
C GLU A 158 22.03 40.57 3.85
N ALA A 159 22.35 39.29 3.68
CA ALA A 159 23.34 38.88 2.70
C ALA A 159 23.17 39.65 1.39
N LYS A 160 24.27 40.11 0.82
CA LYS A 160 24.21 40.86 -0.43
C LYS A 160 24.08 39.89 -1.60
N SER A 161 24.40 38.63 -1.35
CA SER A 161 24.34 37.61 -2.39
C SER A 161 24.26 36.19 -1.82
N ALA A 162 23.68 35.29 -2.60
CA ALA A 162 23.56 33.89 -2.18
C ALA A 162 24.97 33.37 -1.93
N GLN A 163 25.86 33.62 -2.90
CA GLN A 163 27.24 33.18 -2.80
C GLN A 163 27.95 33.81 -1.60
N ALA A 164 27.74 35.12 -1.42
CA ALA A 164 28.36 35.82 -0.30
C ALA A 164 27.87 35.19 1.00
N ASP A 165 26.57 34.95 1.08
CA ASP A 165 25.99 34.36 2.29
C ASP A 165 26.58 32.97 2.48
N LEU A 166 26.72 32.23 1.39
CA LEU A 166 27.28 30.89 1.45
C LEU A 166 28.72 30.90 1.96
N LEU A 167 29.54 31.83 1.47
CA LEU A 167 30.93 31.91 1.91
C LEU A 167 31.00 32.30 3.37
N ASN A 168 30.06 33.16 3.79
CA ASN A 168 30.02 33.59 5.17
C ASN A 168 29.74 32.39 6.08
N LEU A 169 28.90 31.47 5.62
CA LEU A 169 28.61 30.27 6.39
C LEU A 169 29.90 29.48 6.58
N LYS A 170 30.66 29.33 5.51
CA LYS A 170 31.93 28.60 5.58
C LYS A 170 32.83 29.30 6.59
N ARG A 171 32.98 30.61 6.43
CA ARG A 171 33.80 31.40 7.35
C ARG A 171 33.40 31.00 8.76
N LYS A 172 32.10 31.08 9.04
CA LYS A 172 31.57 30.73 10.36
C LYS A 172 31.93 29.30 10.74
N VAL A 173 31.68 28.35 9.83
CA VAL A 173 31.99 26.96 10.10
C VAL A 173 33.49 26.78 10.31
N ASP A 174 34.27 27.31 9.37
CA ASP A 174 35.72 27.21 9.45
C ASP A 174 36.25 27.77 10.76
N ALA A 175 35.37 28.40 11.54
CA ALA A 175 35.76 28.98 12.83
C ALA A 175 35.72 27.98 13.98
N GLY A 176 35.05 26.84 13.77
CA GLY A 176 34.99 25.83 14.82
C GLY A 176 33.62 25.38 15.25
N VAL A 177 32.77 25.01 14.28
CA VAL A 177 31.41 24.56 14.58
C VAL A 177 31.26 23.06 14.27
N ASN A 178 30.29 22.41 14.92
CA ASN A 178 30.06 20.99 14.72
C ASN A 178 28.88 20.69 13.80
N ARG A 179 27.93 21.62 13.75
CA ARG A 179 26.77 21.44 12.89
C ARG A 179 26.07 22.76 12.61
N ALA A 180 25.30 22.78 11.51
CA ALA A 180 24.54 23.96 11.14
C ALA A 180 23.08 23.55 11.14
N ILE A 181 22.18 24.46 11.50
CA ILE A 181 20.75 24.19 11.52
C ILE A 181 20.12 25.25 10.63
N THR A 182 19.32 24.80 9.67
CA THR A 182 18.70 25.72 8.74
C THR A 182 17.50 26.46 9.28
N GLN A 183 17.26 27.62 8.67
CA GLN A 183 16.08 28.41 8.97
C GLN A 183 15.02 27.44 8.43
N PHE A 184 13.79 27.53 8.89
CA PHE A 184 12.77 26.62 8.39
C PHE A 184 12.53 26.93 6.90
N PHE A 185 11.99 25.97 6.19
CA PHE A 185 11.73 26.11 4.76
C PHE A 185 10.65 25.14 4.39
N PHE A 186 10.01 25.33 3.24
CA PHE A 186 8.96 24.42 2.81
C PHE A 186 9.22 23.80 1.45
N ASP A 187 10.18 24.36 0.71
CA ASP A 187 10.52 23.83 -0.60
C ASP A 187 11.74 22.94 -0.41
N VAL A 188 11.52 21.63 -0.47
CA VAL A 188 12.58 20.65 -0.28
C VAL A 188 13.77 20.85 -1.23
N GLU A 189 13.47 21.14 -2.49
CA GLU A 189 14.54 21.34 -3.48
C GLU A 189 15.55 22.39 -3.05
N SER A 190 15.06 23.54 -2.61
CA SER A 190 15.94 24.61 -2.16
C SER A 190 16.91 24.10 -1.10
N TYR A 191 16.41 23.32 -0.16
CA TYR A 191 17.28 22.79 0.88
C TYR A 191 18.30 21.83 0.28
N LEU A 192 17.81 20.89 -0.56
CA LEU A 192 18.67 19.90 -1.19
C LEU A 192 19.76 20.57 -2.03
N ARG A 193 19.39 21.54 -2.86
CA ARG A 193 20.37 22.25 -3.68
C ARG A 193 21.36 22.99 -2.80
N PHE A 194 20.86 23.64 -1.75
CA PHE A 194 21.72 24.37 -0.83
C PHE A 194 22.72 23.43 -0.20
N ARG A 195 22.25 22.27 0.24
CA ARG A 195 23.12 21.27 0.86
C ARG A 195 24.22 20.84 -0.10
N ASP A 196 23.91 20.76 -1.40
CA ASP A 196 24.91 20.36 -2.37
C ASP A 196 25.90 21.50 -2.59
N ARG A 197 25.38 22.73 -2.70
CA ARG A 197 26.25 23.87 -2.88
C ARG A 197 27.17 24.00 -1.69
N CYS A 198 26.70 23.61 -0.51
CA CYS A 198 27.51 23.67 0.70
C CYS A 198 28.75 22.78 0.61
N VAL A 199 28.57 21.51 0.26
CA VAL A 199 29.71 20.60 0.15
C VAL A 199 30.60 21.08 -1.00
N SER A 200 29.96 21.58 -2.05
CA SER A 200 30.64 22.07 -3.24
C SER A 200 31.47 23.30 -2.90
N ALA A 201 31.16 23.94 -1.77
CA ALA A 201 31.89 25.12 -1.33
C ALA A 201 32.90 24.75 -0.25
N GLY A 202 32.94 23.45 0.09
CA GLY A 202 33.91 23.00 1.08
C GLY A 202 33.48 23.02 2.54
N ILE A 203 32.20 23.28 2.80
CA ILE A 203 31.69 23.29 4.17
C ILE A 203 31.57 21.84 4.64
N ASP A 204 32.36 21.51 5.65
CA ASP A 204 32.45 20.15 6.17
C ASP A 204 31.44 19.64 7.19
N VAL A 205 30.46 20.45 7.57
CA VAL A 205 29.47 19.98 8.55
C VAL A 205 28.12 19.69 7.91
N GLU A 206 27.29 18.93 8.61
CA GLU A 206 25.96 18.60 8.10
C GLU A 206 25.07 19.83 8.20
N ILE A 207 24.17 19.95 7.23
CA ILE A 207 23.23 21.05 7.16
C ILE A 207 21.90 20.51 7.66
N ILE A 208 21.75 20.42 8.97
CA ILE A 208 20.53 19.87 9.58
C ILE A 208 19.28 20.69 9.31
N PRO A 209 18.28 20.07 8.65
CA PRO A 209 17.05 20.81 8.36
C PRO A 209 16.28 21.15 9.63
N GLY A 210 15.80 22.39 9.68
CA GLY A 210 15.02 22.87 10.80
C GLY A 210 13.58 22.74 10.37
N ILE A 211 12.86 21.82 10.98
CA ILE A 211 11.48 21.58 10.59
C ILE A 211 10.45 22.36 11.41
N LEU A 212 9.60 23.11 10.72
CA LEU A 212 8.54 23.85 11.39
C LEU A 212 7.20 23.20 11.07
N PRO A 213 6.62 22.45 12.01
CA PRO A 213 5.32 21.84 11.73
C PRO A 213 4.30 22.97 11.87
N VAL A 214 3.63 23.30 10.77
CA VAL A 214 2.68 24.40 10.77
C VAL A 214 1.23 24.11 11.16
N SER A 215 0.77 24.75 12.23
CA SER A 215 -0.61 24.61 12.67
C SER A 215 -1.27 25.98 12.54
N ASN A 216 -0.48 27.04 12.76
CA ASN A 216 -0.99 28.40 12.62
C ASN A 216 -0.33 29.00 11.37
N PHE A 217 -1.00 28.87 10.24
CA PHE A 217 -0.47 29.38 8.98
C PHE A 217 -0.28 30.89 8.96
N LYS A 218 -1.27 31.64 9.45
CA LYS A 218 -1.19 33.09 9.48
C LYS A 218 0.11 33.55 10.10
N GLN A 219 0.44 33.00 11.27
CA GLN A 219 1.66 33.39 11.96
C GLN A 219 2.92 32.86 11.29
N ALA A 220 2.81 31.70 10.65
CA ALA A 220 3.97 31.13 9.97
C ALA A 220 4.30 32.00 8.77
N LYS A 221 3.28 32.39 8.03
CA LYS A 221 3.48 33.24 6.86
C LYS A 221 4.07 34.59 7.23
N LYS A 222 3.73 35.10 8.41
CA LYS A 222 4.26 36.39 8.83
C LYS A 222 5.73 36.26 9.24
N PHE A 223 6.06 35.18 9.95
CA PHE A 223 7.45 35.00 10.36
C PHE A 223 8.32 34.75 9.14
N ALA A 224 7.75 34.09 8.12
CA ALA A 224 8.48 33.80 6.89
C ALA A 224 8.70 35.07 6.07
N ASP A 225 7.68 35.92 6.00
CA ASP A 225 7.78 37.17 5.24
C ASP A 225 8.84 38.08 5.86
N MET A 226 9.17 37.85 7.12
CA MET A 226 10.19 38.64 7.81
C MET A 226 11.56 38.01 7.67
N THR A 227 11.59 36.68 7.54
CA THR A 227 12.85 35.95 7.44
C THR A 227 13.29 35.57 6.04
N ASN A 228 12.61 36.10 5.03
CA ASN A 228 12.97 35.81 3.66
C ASN A 228 12.72 34.35 3.29
N VAL A 229 11.88 33.65 4.06
CA VAL A 229 11.56 32.26 3.76
C VAL A 229 10.38 32.27 2.80
N ARG A 230 10.46 31.44 1.76
CA ARG A 230 9.41 31.39 0.75
C ARG A 230 8.25 30.45 1.10
N ILE A 231 7.04 30.93 0.85
CA ILE A 231 5.83 30.15 1.08
C ILE A 231 5.34 29.72 -0.30
N PRO A 232 5.78 28.55 -0.77
CA PRO A 232 5.34 28.10 -2.10
C PRO A 232 3.83 28.18 -2.31
N ALA A 233 3.45 28.49 -3.55
CA ALA A 233 2.05 28.63 -3.92
C ALA A 233 1.19 27.46 -3.48
N TRP A 234 1.65 26.24 -3.75
CA TRP A 234 0.90 25.05 -3.38
C TRP A 234 0.61 25.02 -1.88
N MET A 235 1.52 25.58 -1.10
CA MET A 235 1.35 25.60 0.35
C MET A 235 0.35 26.67 0.75
N ALA A 236 0.42 27.81 0.08
CA ALA A 236 -0.50 28.90 0.37
C ALA A 236 -1.93 28.46 0.05
N GLN A 237 -2.08 27.74 -1.05
CA GLN A 237 -3.39 27.25 -1.45
C GLN A 237 -3.89 26.16 -0.49
N MET A 238 -2.96 25.36 0.03
CA MET A 238 -3.31 24.30 0.97
C MET A 238 -3.98 24.84 2.23
N PHE A 239 -3.52 26.00 2.70
CA PHE A 239 -4.09 26.59 3.91
C PHE A 239 -5.20 27.60 3.64
N ASP A 240 -5.38 27.97 2.39
CA ASP A 240 -6.42 28.92 2.05
C ASP A 240 -7.78 28.43 2.51
N GLY A 241 -8.50 29.29 3.24
CA GLY A 241 -9.82 28.94 3.74
C GLY A 241 -9.87 28.26 5.11
N LEU A 242 -8.73 28.14 5.77
CA LEU A 242 -8.71 27.48 7.07
C LEU A 242 -8.47 28.40 8.26
N ASP A 243 -8.55 29.71 8.06
CA ASP A 243 -8.32 30.64 9.16
C ASP A 243 -9.06 30.25 10.44
N ASP A 244 -10.30 29.77 10.30
CA ASP A 244 -11.09 29.40 11.47
C ASP A 244 -11.28 27.90 11.66
N ASP A 245 -10.34 27.09 11.18
CA ASP A 245 -10.46 25.65 11.33
C ASP A 245 -9.15 25.05 11.82
N ALA A 246 -8.90 25.17 13.11
CA ALA A 246 -7.67 24.66 13.72
C ALA A 246 -7.45 23.17 13.52
N GLU A 247 -8.51 22.38 13.61
CA GLU A 247 -8.37 20.94 13.45
C GLU A 247 -7.83 20.61 12.05
N THR A 248 -8.44 21.17 11.01
CA THR A 248 -7.98 20.89 9.66
C THR A 248 -6.56 21.43 9.41
N ARG A 249 -6.25 22.59 9.98
CA ARG A 249 -4.91 23.17 9.79
C ARG A 249 -3.88 22.21 10.37
N LYS A 250 -4.20 21.63 11.52
CA LYS A 250 -3.29 20.70 12.18
C LYS A 250 -3.03 19.46 11.34
N LEU A 251 -4.09 18.86 10.79
CA LEU A 251 -3.96 17.67 9.98
C LEU A 251 -3.19 17.97 8.69
N VAL A 252 -3.53 19.09 8.07
CA VAL A 252 -2.88 19.51 6.85
C VAL A 252 -1.40 19.79 7.10
N GLY A 253 -1.10 20.54 8.16
CA GLY A 253 0.28 20.86 8.49
C GLY A 253 1.11 19.65 8.90
N ALA A 254 0.48 18.69 9.58
CA ALA A 254 1.17 17.48 10.01
C ALA A 254 1.53 16.68 8.76
N ASN A 255 0.59 16.65 7.82
CA ASN A 255 0.78 15.94 6.55
C ASN A 255 1.99 16.53 5.80
N ILE A 256 2.02 17.85 5.66
CA ILE A 256 3.13 18.52 4.97
C ILE A 256 4.48 18.21 5.61
N ALA A 257 4.54 18.26 6.94
CA ALA A 257 5.78 17.99 7.66
C ALA A 257 6.21 16.53 7.56
N MET A 258 5.24 15.62 7.59
CA MET A 258 5.55 14.20 7.47
C MET A 258 6.04 13.92 6.05
N ASP A 259 5.41 14.54 5.07
CA ASP A 259 5.82 14.36 3.68
C ASP A 259 7.25 14.89 3.53
N MET A 260 7.52 16.04 4.14
CA MET A 260 8.86 16.65 4.07
C MET A 260 9.97 15.76 4.63
N VAL A 261 9.83 15.32 5.88
CA VAL A 261 10.88 14.51 6.46
C VAL A 261 11.01 13.14 5.80
N LYS A 262 9.94 12.71 5.12
CA LYS A 262 10.01 11.43 4.44
C LYS A 262 10.90 11.56 3.19
N ILE A 263 10.74 12.65 2.45
CA ILE A 263 11.56 12.88 1.27
C ILE A 263 13.01 13.10 1.72
N LEU A 264 13.18 13.95 2.74
CA LEU A 264 14.50 14.25 3.27
C LEU A 264 15.24 13.00 3.75
N SER A 265 14.52 12.12 4.42
CA SER A 265 15.09 10.88 4.93
C SER A 265 15.60 10.00 3.80
N ARG A 266 14.81 9.87 2.74
CA ARG A 266 15.20 9.06 1.59
C ARG A 266 16.43 9.66 0.89
N GLU A 267 16.62 10.97 1.06
CA GLU A 267 17.75 11.66 0.45
C GLU A 267 19.00 11.59 1.32
N GLY A 268 18.96 10.76 2.35
CA GLY A 268 20.12 10.61 3.22
C GLY A 268 20.18 11.45 4.48
N VAL A 269 19.24 12.38 4.66
CA VAL A 269 19.25 13.20 5.87
C VAL A 269 18.89 12.33 7.07
N LYS A 270 19.78 12.30 8.06
CA LYS A 270 19.56 11.51 9.26
C LYS A 270 19.49 12.39 10.52
N ASP A 271 19.34 13.69 10.33
CA ASP A 271 19.28 14.62 11.45
C ASP A 271 18.17 15.66 11.25
N PHE A 272 17.33 15.85 12.25
CA PHE A 272 16.27 16.86 12.15
C PHE A 272 16.16 17.71 13.41
N HIS A 273 15.91 19.00 13.23
CA HIS A 273 15.76 19.93 14.34
C HIS A 273 14.34 20.50 14.27
N PHE A 274 13.51 20.22 15.26
CA PHE A 274 12.14 20.70 15.24
C PHE A 274 11.86 21.97 16.02
N TYR A 275 11.22 22.93 15.36
CA TYR A 275 10.82 24.17 16.00
C TYR A 275 9.44 23.82 16.53
N THR A 276 9.41 23.31 17.76
CA THR A 276 8.17 22.87 18.40
C THR A 276 7.20 23.97 18.85
N LEU A 277 7.71 25.18 19.02
CA LEU A 277 6.89 26.30 19.50
C LEU A 277 6.29 25.90 20.86
N ASN A 278 7.03 25.06 21.58
CA ASN A 278 6.63 24.58 22.91
C ASN A 278 5.48 23.57 22.94
N ARG A 279 5.06 23.09 21.77
CA ARG A 279 4.00 22.10 21.72
C ARG A 279 4.60 20.80 21.24
N ALA A 280 4.19 19.69 21.85
CA ALA A 280 4.75 18.39 21.50
C ALA A 280 4.00 17.51 20.49
N GLU A 281 2.68 17.64 20.43
CA GLU A 281 1.88 16.79 19.54
C GLU A 281 2.37 16.61 18.11
N MET A 282 2.54 17.70 17.37
CA MET A 282 2.98 17.59 16.00
C MET A 282 4.38 16.98 15.85
N SER A 283 5.37 17.54 16.55
CA SER A 283 6.73 17.02 16.45
C SER A 283 6.78 15.56 16.92
N TYR A 284 5.97 15.23 17.91
CA TYR A 284 5.94 13.87 18.42
C TYR A 284 5.50 12.90 17.34
N ALA A 285 4.47 13.29 16.59
CA ALA A 285 3.92 12.47 15.52
C ALA A 285 4.88 12.33 14.34
N ILE A 286 5.53 13.42 13.96
CA ILE A 286 6.47 13.40 12.85
C ILE A 286 7.61 12.46 13.19
N CYS A 287 8.15 12.59 14.40
CA CYS A 287 9.22 11.72 14.84
C CYS A 287 8.78 10.26 14.76
N HIS A 288 7.53 10.00 15.18
CA HIS A 288 7.01 8.65 15.14
C HIS A 288 7.12 8.07 13.73
N THR A 289 6.75 8.86 12.73
CA THR A 289 6.83 8.38 11.35
C THR A 289 8.28 8.12 10.94
N LEU A 290 9.22 8.79 11.60
CA LEU A 290 10.63 8.62 11.31
C LEU A 290 11.23 7.43 12.07
N GLY A 291 10.40 6.77 12.87
CA GLY A 291 10.88 5.63 13.63
C GLY A 291 11.44 6.03 14.98
N VAL A 292 11.34 7.32 15.30
CA VAL A 292 11.83 7.82 16.57
C VAL A 292 10.67 7.70 17.55
N ARG A 293 10.72 6.65 18.37
CA ARG A 293 9.65 6.36 19.32
C ARG A 293 10.19 5.98 20.70
N PRO A 294 9.34 6.06 21.73
CA PRO A 294 9.75 5.71 23.11
C PRO A 294 9.81 4.21 23.36
N GLY A 295 9.97 3.82 24.64
CA GLY A 295 10.02 2.41 25.02
C GLY A 295 8.64 1.86 25.33
N PHE B 3 14.47 7.97 -9.07
CA PHE B 3 15.05 6.81 -9.81
C PHE B 3 14.01 5.70 -10.02
N PHE B 4 13.23 5.85 -11.09
CA PHE B 4 12.18 4.92 -11.47
C PHE B 4 12.46 3.45 -11.17
N HIS B 5 13.20 2.79 -12.07
CA HIS B 5 13.52 1.38 -11.91
C HIS B 5 13.98 1.00 -10.51
N ALA B 6 14.72 1.88 -9.85
CA ALA B 6 15.20 1.62 -8.50
C ALA B 6 14.03 1.37 -7.54
N SER B 7 13.11 2.34 -7.48
CA SER B 7 11.94 2.24 -6.62
C SER B 7 11.02 1.10 -7.04
N GLN B 8 10.71 1.04 -8.33
CA GLN B 8 9.83 -0.01 -8.86
C GLN B 8 10.31 -1.36 -8.38
N ARG B 9 11.63 -1.57 -8.43
CA ARG B 9 12.23 -2.82 -8.00
C ARG B 9 12.01 -3.04 -6.50
N ASP B 10 12.34 -2.03 -5.70
CA ASP B 10 12.18 -2.13 -4.25
C ASP B 10 10.72 -2.40 -3.90
N ALA B 11 9.81 -1.77 -4.63
CA ALA B 11 8.38 -1.95 -4.39
C ALA B 11 7.99 -3.40 -4.70
N LEU B 12 8.40 -3.88 -5.87
CA LEU B 12 8.11 -5.25 -6.26
C LEU B 12 8.64 -6.24 -5.23
N ASN B 13 9.90 -6.06 -4.84
CA ASN B 13 10.53 -6.92 -3.86
C ASN B 13 9.79 -6.93 -2.52
N GLN B 14 9.40 -5.75 -2.04
CA GLN B 14 8.68 -5.66 -0.77
C GLN B 14 7.31 -6.34 -0.88
N SER B 15 6.63 -6.14 -2.01
CA SER B 15 5.31 -6.74 -2.23
C SER B 15 5.42 -8.26 -2.18
N LEU B 16 6.46 -8.80 -2.80
CA LEU B 16 6.67 -10.24 -2.83
C LEU B 16 6.88 -10.79 -1.42
N ALA B 17 7.66 -10.08 -0.61
CA ALA B 17 7.93 -10.53 0.75
C ALA B 17 6.66 -10.58 1.59
N GLU B 18 5.74 -9.64 1.33
CA GLU B 18 4.49 -9.57 2.09
C GLU B 18 3.41 -10.57 1.70
N VAL B 19 3.57 -11.23 0.55
CA VAL B 19 2.57 -12.20 0.12
C VAL B 19 2.84 -13.57 0.75
N GLN B 20 3.90 -13.66 1.54
CA GLN B 20 4.25 -14.93 2.18
C GLN B 20 3.08 -15.56 2.92
N GLY B 21 2.69 -16.76 2.50
CA GLY B 21 1.60 -17.47 3.13
C GLY B 21 0.27 -17.37 2.40
N GLN B 22 0.25 -16.68 1.27
CA GLN B 22 -0.98 -16.52 0.50
C GLN B 22 -0.91 -17.23 -0.84
N ILE B 23 0.27 -17.70 -1.19
CA ILE B 23 0.49 -18.37 -2.46
C ILE B 23 0.27 -19.87 -2.42
N ASN B 24 -0.53 -20.38 -3.35
CA ASN B 24 -0.80 -21.82 -3.47
C ASN B 24 0.12 -22.31 -4.59
N VAL B 25 0.75 -23.47 -4.39
CA VAL B 25 1.62 -24.01 -5.42
C VAL B 25 1.31 -25.49 -5.66
N SER B 26 1.67 -25.96 -6.85
CA SER B 26 1.48 -27.36 -7.20
C SER B 26 2.69 -27.74 -8.05
N PHE B 27 3.04 -29.01 -8.01
CA PHE B 27 4.20 -29.51 -8.75
C PHE B 27 3.86 -30.66 -9.68
N GLU B 28 4.43 -30.62 -10.87
CA GLU B 28 4.20 -31.66 -11.85
C GLU B 28 5.45 -32.51 -12.03
N PHE B 29 5.25 -33.83 -12.08
CA PHE B 29 6.32 -34.79 -12.25
C PHE B 29 5.96 -35.73 -13.39
N PHE B 30 6.95 -36.47 -13.88
CA PHE B 30 6.72 -37.40 -14.97
C PHE B 30 7.33 -38.75 -14.58
N PRO B 31 6.78 -39.85 -15.14
CA PRO B 31 7.28 -41.20 -14.82
C PRO B 31 8.77 -41.37 -15.10
N PRO B 32 9.56 -41.72 -14.08
CA PRO B 32 10.99 -41.90 -14.31
C PRO B 32 11.20 -43.09 -15.25
N ARG B 33 12.23 -43.03 -16.07
CA ARG B 33 12.50 -44.10 -17.02
C ARG B 33 13.72 -44.97 -16.69
N THR B 34 14.40 -44.63 -15.59
CA THR B 34 15.58 -45.38 -15.17
C THR B 34 15.66 -45.42 -13.65
N SER B 35 16.55 -46.26 -13.13
CA SER B 35 16.72 -46.37 -11.69
C SER B 35 17.21 -45.03 -11.15
N GLU B 36 18.12 -44.41 -11.90
CA GLU B 36 18.69 -43.12 -11.53
C GLU B 36 17.62 -42.03 -11.49
N MET B 37 16.78 -41.99 -12.52
CA MET B 37 15.72 -41.01 -12.59
C MET B 37 14.72 -41.21 -11.46
N GLU B 38 14.47 -42.46 -11.11
CA GLU B 38 13.52 -42.78 -10.06
C GLU B 38 14.00 -42.22 -8.73
N GLN B 39 15.28 -42.40 -8.44
CA GLN B 39 15.88 -41.92 -7.21
C GLN B 39 15.74 -40.39 -7.14
N THR B 40 16.12 -39.71 -8.21
CA THR B 40 15.99 -38.25 -8.25
C THR B 40 14.56 -37.83 -7.93
N LEU B 41 13.60 -38.52 -8.54
CA LEU B 41 12.18 -38.22 -8.34
C LEU B 41 11.75 -38.24 -6.88
N TRP B 42 12.04 -39.34 -6.20
CA TRP B 42 11.65 -39.46 -4.81
C TRP B 42 12.37 -38.46 -3.94
N ASN B 43 13.61 -38.09 -4.29
CA ASN B 43 14.30 -37.09 -3.51
C ASN B 43 13.54 -35.77 -3.70
N SER B 44 13.19 -35.48 -4.94
CA SER B 44 12.46 -34.26 -5.26
C SER B 44 11.08 -34.24 -4.58
N ILE B 45 10.39 -35.37 -4.63
CA ILE B 45 9.08 -35.46 -4.01
C ILE B 45 9.19 -35.15 -2.51
N ASP B 46 10.15 -35.76 -1.83
CA ASP B 46 10.31 -35.51 -0.40
C ASP B 46 10.67 -34.06 -0.14
N ARG B 47 11.57 -33.51 -0.94
CA ARG B 47 11.99 -32.13 -0.77
C ARG B 47 10.81 -31.15 -0.95
N LEU B 48 10.08 -31.29 -2.06
CA LEU B 48 8.96 -30.40 -2.36
C LEU B 48 7.71 -30.66 -1.51
N SER B 49 7.55 -31.88 -1.00
CA SER B 49 6.38 -32.19 -0.18
C SER B 49 6.38 -31.34 1.09
N SER B 50 7.56 -30.99 1.59
CA SER B 50 7.65 -30.18 2.79
C SER B 50 7.10 -28.79 2.58
N LEU B 51 6.89 -28.40 1.32
CA LEU B 51 6.34 -27.07 1.05
C LEU B 51 4.81 -27.08 1.08
N LYS B 52 4.23 -28.26 1.28
CA LYS B 52 2.78 -28.40 1.36
C LYS B 52 2.02 -27.87 0.13
N PRO B 53 2.33 -28.41 -1.06
CA PRO B 53 1.63 -27.94 -2.26
C PRO B 53 0.16 -28.34 -2.18
N LYS B 54 -0.71 -27.57 -2.82
CA LYS B 54 -2.14 -27.89 -2.80
C LYS B 54 -2.29 -29.29 -3.41
N PHE B 55 -1.46 -29.60 -4.39
CA PHE B 55 -1.49 -30.91 -5.02
C PHE B 55 -0.27 -31.09 -5.90
N VAL B 56 -0.01 -32.33 -6.29
CA VAL B 56 1.09 -32.61 -7.22
C VAL B 56 0.42 -33.47 -8.28
N SER B 57 0.98 -33.48 -9.49
CA SER B 57 0.41 -34.28 -10.55
C SER B 57 1.52 -35.06 -11.26
N VAL B 58 1.11 -36.07 -12.02
CA VAL B 58 2.03 -36.94 -12.75
C VAL B 58 1.55 -37.10 -14.18
N THR B 59 2.40 -36.74 -15.15
CA THR B 59 2.03 -36.84 -16.56
C THR B 59 1.70 -38.27 -16.98
N TYR B 60 0.93 -38.37 -18.07
CA TYR B 60 0.46 -39.64 -18.62
C TYR B 60 0.92 -39.77 -20.06
N GLY B 61 1.77 -40.76 -20.32
CA GLY B 61 2.28 -41.01 -21.66
C GLY B 61 1.35 -41.99 -22.36
N ALA B 62 1.79 -42.54 -23.49
CA ALA B 62 0.97 -43.48 -24.27
C ALA B 62 1.23 -44.98 -24.06
N ASN B 63 2.50 -45.40 -24.02
CA ASN B 63 2.79 -46.83 -23.84
C ASN B 63 2.17 -47.38 -22.56
N SER B 64 1.76 -48.64 -22.62
CA SER B 64 1.10 -49.34 -21.50
C SER B 64 1.90 -49.39 -20.19
N GLY B 65 3.20 -49.68 -20.29
CA GLY B 65 4.01 -49.75 -19.09
C GLY B 65 4.05 -48.41 -18.37
N GLU B 66 4.22 -47.34 -19.15
CA GLU B 66 4.28 -45.99 -18.61
C GLU B 66 2.97 -45.58 -17.94
N ARG B 67 1.86 -46.03 -18.50
CA ARG B 67 0.56 -45.70 -17.94
C ARG B 67 0.35 -46.42 -16.61
N ASP B 68 0.94 -47.60 -16.49
CA ASP B 68 0.85 -48.36 -15.26
C ASP B 68 1.81 -47.68 -14.28
N ARG B 69 2.81 -47.00 -14.83
CA ARG B 69 3.79 -46.28 -14.02
C ARG B 69 3.13 -45.07 -13.36
N THR B 70 2.35 -44.33 -14.15
CA THR B 70 1.67 -43.15 -13.64
C THR B 70 0.88 -43.51 -12.38
N HIS B 71 0.10 -44.57 -12.44
CA HIS B 71 -0.72 -44.99 -11.31
C HIS B 71 0.09 -45.42 -10.08
N SER B 72 1.18 -46.14 -10.29
CA SER B 72 2.00 -46.59 -9.17
C SER B 72 2.70 -45.42 -8.49
N ILE B 73 3.14 -44.45 -9.28
CA ILE B 73 3.81 -43.27 -8.72
C ILE B 73 2.79 -42.42 -7.97
N ILE B 74 1.57 -42.33 -8.49
CA ILE B 74 0.54 -41.55 -7.82
C ILE B 74 0.30 -42.22 -6.47
N LYS B 75 0.14 -43.54 -6.49
CA LYS B 75 -0.09 -44.29 -5.26
C LYS B 75 1.10 -44.12 -4.32
N GLY B 76 2.31 -44.25 -4.88
CA GLY B 76 3.51 -44.08 -4.09
C GLY B 76 3.56 -42.73 -3.41
N ILE B 77 3.17 -41.69 -4.15
CA ILE B 77 3.17 -40.33 -3.61
C ILE B 77 2.16 -40.17 -2.48
N LYS B 78 0.97 -40.75 -2.65
CA LYS B 78 -0.07 -40.65 -1.64
C LYS B 78 0.37 -41.32 -0.33
N ASP B 79 0.90 -42.54 -0.43
CA ASP B 79 1.37 -43.27 0.75
C ASP B 79 2.46 -42.51 1.49
N ARG B 80 3.52 -42.20 0.76
CA ARG B 80 4.70 -41.52 1.28
C ARG B 80 4.52 -40.12 1.88
N THR B 81 3.70 -39.28 1.25
CA THR B 81 3.51 -37.91 1.70
C THR B 81 2.11 -37.55 2.21
N GLY B 82 1.10 -38.29 1.77
CA GLY B 82 -0.26 -37.99 2.18
C GLY B 82 -0.80 -36.80 1.41
N LEU B 83 -0.10 -36.38 0.35
CA LEU B 83 -0.55 -35.25 -0.46
C LEU B 83 -1.53 -35.69 -1.52
N GLU B 84 -2.38 -34.76 -1.96
CA GLU B 84 -3.33 -35.05 -3.02
C GLU B 84 -2.53 -35.15 -4.32
N ALA B 85 -2.59 -36.31 -4.97
CA ALA B 85 -1.86 -36.52 -6.22
C ALA B 85 -2.85 -36.72 -7.36
N ALA B 86 -2.71 -35.90 -8.40
CA ALA B 86 -3.60 -35.95 -9.57
C ALA B 86 -2.90 -36.54 -10.78
N PRO B 87 -3.39 -37.67 -11.30
CA PRO B 87 -2.75 -38.25 -12.47
C PRO B 87 -3.27 -37.53 -13.71
N HIS B 88 -2.45 -37.47 -14.76
CA HIS B 88 -2.89 -36.84 -16.00
C HIS B 88 -3.53 -37.98 -16.78
N LEU B 89 -4.67 -37.71 -17.40
CA LEU B 89 -5.37 -38.73 -18.17
C LEU B 89 -5.62 -38.14 -19.55
N THR B 90 -5.28 -38.89 -20.59
CA THR B 90 -5.47 -38.42 -21.96
C THR B 90 -6.51 -39.27 -22.70
N CYS B 91 -6.92 -38.79 -23.88
CA CYS B 91 -7.90 -39.50 -24.71
C CYS B 91 -7.20 -40.39 -25.73
N ILE B 92 -5.87 -40.39 -25.68
CA ILE B 92 -5.06 -41.17 -26.61
C ILE B 92 -5.05 -42.67 -26.32
N ASP B 93 -5.19 -43.46 -27.38
CA ASP B 93 -5.19 -44.92 -27.28
C ASP B 93 -6.09 -45.42 -26.17
N ALA B 94 -7.33 -44.93 -26.14
CA ALA B 94 -8.28 -45.34 -25.13
C ALA B 94 -9.71 -45.13 -25.61
N THR B 95 -10.58 -46.11 -25.33
CA THR B 95 -11.97 -46.01 -25.73
C THR B 95 -12.74 -45.41 -24.54
N PRO B 96 -13.92 -44.83 -24.81
CA PRO B 96 -14.70 -44.25 -23.72
C PRO B 96 -14.91 -45.25 -22.59
N ASP B 97 -15.06 -46.53 -22.94
CA ASP B 97 -15.27 -47.57 -21.95
C ASP B 97 -14.05 -47.82 -21.07
N GLU B 98 -12.86 -47.81 -21.67
CA GLU B 98 -11.65 -48.02 -20.89
C GLU B 98 -11.50 -46.83 -19.95
N LEU B 99 -11.73 -45.63 -20.49
CA LEU B 99 -11.63 -44.41 -19.71
C LEU B 99 -12.55 -44.42 -18.50
N ARG B 100 -13.80 -44.84 -18.69
CA ARG B 100 -14.74 -44.89 -17.58
C ARG B 100 -14.26 -45.89 -16.53
N THR B 101 -13.68 -47.00 -16.98
CA THR B 101 -13.16 -48.03 -16.07
C THR B 101 -11.99 -47.45 -15.27
N ILE B 102 -11.04 -46.86 -15.98
CA ILE B 102 -9.87 -46.25 -15.34
C ILE B 102 -10.31 -45.19 -14.33
N ALA B 103 -11.30 -44.39 -14.73
CA ALA B 103 -11.82 -43.33 -13.86
C ALA B 103 -12.49 -43.92 -12.62
N ARG B 104 -13.33 -44.93 -12.81
CA ARG B 104 -14.01 -45.56 -11.68
C ARG B 104 -12.98 -46.13 -10.72
N ASP B 105 -11.96 -46.78 -11.26
CA ASP B 105 -10.94 -47.36 -10.41
C ASP B 105 -10.10 -46.30 -9.69
N TYR B 106 -9.88 -45.16 -10.33
CA TYR B 106 -9.11 -44.09 -9.68
C TYR B 106 -9.89 -43.56 -8.48
N TRP B 107 -11.17 -43.29 -8.70
CA TRP B 107 -12.04 -42.78 -7.65
C TRP B 107 -12.11 -43.75 -6.47
N ASN B 108 -12.43 -45.01 -6.74
CA ASN B 108 -12.51 -45.99 -5.67
C ASN B 108 -11.20 -46.11 -4.91
N ASN B 109 -10.09 -45.77 -5.55
CA ASN B 109 -8.78 -45.84 -4.92
C ASN B 109 -8.39 -44.55 -4.19
N GLY B 110 -9.33 -43.62 -4.09
CA GLY B 110 -9.05 -42.37 -3.40
C GLY B 110 -8.44 -41.24 -4.21
N ILE B 111 -8.34 -41.44 -5.52
CA ILE B 111 -7.78 -40.41 -6.40
C ILE B 111 -8.93 -39.66 -7.08
N ARG B 112 -9.33 -38.55 -6.47
CA ARG B 112 -10.46 -37.74 -6.96
C ARG B 112 -10.14 -36.43 -7.69
N HIS B 113 -8.90 -36.25 -8.10
CA HIS B 113 -8.51 -35.05 -8.85
C HIS B 113 -7.78 -35.55 -10.08
N ILE B 114 -8.29 -35.19 -11.25
CA ILE B 114 -7.69 -35.61 -12.51
C ILE B 114 -7.42 -34.45 -13.47
N VAL B 115 -6.24 -34.46 -14.11
CA VAL B 115 -5.92 -33.44 -15.09
C VAL B 115 -6.37 -34.06 -16.42
N ALA B 116 -7.52 -33.61 -16.92
CA ALA B 116 -8.10 -34.15 -18.16
C ALA B 116 -7.52 -33.52 -19.43
N LEU B 117 -6.92 -34.34 -20.28
CA LEU B 117 -6.28 -33.87 -21.50
C LEU B 117 -6.63 -34.71 -22.73
N ARG B 118 -6.44 -34.11 -23.90
CA ARG B 118 -6.69 -34.81 -25.16
C ARG B 118 -5.44 -35.68 -25.35
N GLY B 119 -4.28 -35.07 -25.15
CA GLY B 119 -3.01 -35.78 -25.27
C GLY B 119 -2.23 -35.46 -26.54
N ASP B 120 -0.91 -35.60 -26.45
CA ASP B 120 -0.06 -35.35 -27.61
C ASP B 120 -0.38 -36.46 -28.62
N LEU B 121 -0.42 -36.11 -29.90
CA LEU B 121 -0.75 -37.08 -30.94
C LEU B 121 0.43 -37.94 -31.35
N PRO B 122 0.28 -39.27 -31.27
CA PRO B 122 1.38 -40.17 -31.65
C PRO B 122 1.66 -40.07 -33.14
N PRO B 123 2.94 -40.11 -33.53
CA PRO B 123 3.33 -40.02 -34.94
C PRO B 123 2.60 -41.04 -35.81
N GLU B 129 -10.14 -38.60 -32.05
CA GLU B 129 -11.53 -38.99 -31.83
C GLU B 129 -12.21 -37.96 -30.93
N MET B 130 -12.15 -38.18 -29.62
CA MET B 130 -12.76 -37.26 -28.67
C MET B 130 -11.76 -36.19 -28.26
N TYR B 131 -12.26 -35.05 -27.77
CA TYR B 131 -11.39 -33.96 -27.34
C TYR B 131 -11.43 -33.85 -25.82
N ALA B 132 -10.58 -33.01 -25.26
CA ALA B 132 -10.53 -32.82 -23.81
C ALA B 132 -11.91 -32.60 -23.19
N SER B 133 -12.75 -31.80 -23.83
CA SER B 133 -14.10 -31.52 -23.33
C SER B 133 -14.93 -32.80 -23.22
N ASP B 134 -14.67 -33.74 -24.11
CA ASP B 134 -15.39 -35.00 -24.11
C ASP B 134 -14.95 -35.80 -22.88
N LEU B 135 -13.65 -35.77 -22.59
CA LEU B 135 -13.14 -36.49 -21.43
C LEU B 135 -13.71 -35.91 -20.14
N VAL B 136 -13.78 -34.58 -20.06
CA VAL B 136 -14.33 -33.92 -18.88
C VAL B 136 -15.76 -34.40 -18.63
N THR B 137 -16.56 -34.40 -19.68
CA THR B 137 -17.95 -34.83 -19.57
C THR B 137 -18.02 -36.29 -19.14
N LEU B 138 -17.19 -37.13 -19.76
CA LEU B 138 -17.15 -38.55 -19.44
C LEU B 138 -16.83 -38.73 -17.96
N LEU B 139 -15.76 -38.07 -17.52
CA LEU B 139 -15.33 -38.16 -16.13
C LEU B 139 -16.40 -37.68 -15.15
N LYS B 140 -17.07 -36.57 -15.47
CA LYS B 140 -18.11 -36.07 -14.59
C LYS B 140 -19.29 -37.03 -14.49
N GLU B 141 -19.48 -37.85 -15.51
CA GLU B 141 -20.57 -38.83 -15.50
C GLU B 141 -20.22 -39.98 -14.57
N VAL B 142 -18.93 -40.31 -14.49
CA VAL B 142 -18.47 -41.39 -13.63
C VAL B 142 -18.54 -40.96 -12.16
N ALA B 143 -17.98 -39.79 -11.86
CA ALA B 143 -17.98 -39.28 -10.49
C ALA B 143 -17.74 -37.78 -10.46
N ASP B 144 -17.91 -37.18 -9.29
CA ASP B 144 -17.73 -35.74 -9.14
C ASP B 144 -16.26 -35.39 -8.92
N PHE B 145 -15.46 -35.64 -9.95
CA PHE B 145 -14.02 -35.37 -9.90
C PHE B 145 -13.66 -33.88 -9.88
N ASP B 146 -12.53 -33.59 -9.25
CA ASP B 146 -11.98 -32.24 -9.20
C ASP B 146 -11.21 -32.32 -10.51
N ILE B 147 -11.45 -31.39 -11.44
CA ILE B 147 -10.77 -31.48 -12.74
C ILE B 147 -9.98 -30.26 -13.18
N SER B 148 -8.79 -30.51 -13.72
CA SER B 148 -7.92 -29.44 -14.24
C SER B 148 -7.76 -29.72 -15.72
N VAL B 149 -7.61 -28.66 -16.52
CA VAL B 149 -7.41 -28.81 -17.96
C VAL B 149 -6.34 -27.83 -18.42
N ALA B 150 -5.84 -28.03 -19.64
CA ALA B 150 -4.80 -27.19 -20.21
C ALA B 150 -5.36 -25.96 -20.92
N ALA B 151 -4.61 -24.86 -20.82
CA ALA B 151 -4.97 -23.60 -21.48
C ALA B 151 -3.71 -23.15 -22.23
N TYR B 152 -3.87 -22.40 -23.30
CA TYR B 152 -2.72 -21.97 -24.09
C TYR B 152 -2.70 -20.47 -24.37
N PRO B 153 -1.97 -19.72 -23.53
CA PRO B 153 -1.87 -18.26 -23.68
C PRO B 153 -1.41 -17.85 -25.08
N GLU B 154 -0.62 -18.70 -25.73
CA GLU B 154 -0.11 -18.39 -27.06
C GLU B 154 -0.78 -19.21 -28.16
N VAL B 155 -1.94 -19.77 -27.82
CA VAL B 155 -2.78 -20.56 -28.72
C VAL B 155 -2.24 -21.95 -29.06
N HIS B 156 -3.07 -22.96 -28.86
CA HIS B 156 -2.67 -24.32 -29.17
C HIS B 156 -2.31 -24.35 -30.66
N PRO B 157 -1.16 -24.94 -30.99
CA PRO B 157 -0.73 -24.99 -32.39
C PRO B 157 -1.72 -25.63 -33.39
N GLU B 158 -2.70 -26.37 -32.89
CA GLU B 158 -3.69 -27.02 -33.75
C GLU B 158 -4.98 -26.24 -33.93
N ALA B 159 -5.20 -25.25 -33.07
CA ALA B 159 -6.42 -24.46 -33.13
C ALA B 159 -6.59 -23.75 -34.47
N LYS B 160 -7.83 -23.71 -34.96
CA LYS B 160 -8.09 -23.04 -36.22
C LYS B 160 -7.91 -21.53 -36.03
N SER B 161 -8.03 -21.07 -34.79
CA SER B 161 -7.84 -19.65 -34.48
C SER B 161 -7.80 -19.42 -32.97
N ALA B 162 -7.32 -18.26 -32.57
CA ALA B 162 -7.24 -17.92 -31.16
C ALA B 162 -8.65 -17.92 -30.59
N GLN B 163 -9.58 -17.42 -31.38
CA GLN B 163 -10.99 -17.35 -31.00
C GLN B 163 -11.52 -18.75 -30.71
N ALA B 164 -11.24 -19.67 -31.64
CA ALA B 164 -11.69 -21.04 -31.50
C ALA B 164 -11.04 -21.71 -30.30
N ASP B 165 -9.74 -21.48 -30.13
CA ASP B 165 -9.01 -22.09 -29.02
C ASP B 165 -9.54 -21.59 -27.69
N LEU B 166 -9.82 -20.29 -27.62
CA LEU B 166 -10.34 -19.68 -26.41
C LEU B 166 -11.75 -20.22 -26.17
N LEU B 167 -12.51 -20.38 -27.25
CA LEU B 167 -13.88 -20.89 -27.15
C LEU B 167 -13.84 -22.34 -26.68
N ASN B 168 -12.85 -23.09 -27.14
CA ASN B 168 -12.71 -24.49 -26.73
C ASN B 168 -12.50 -24.57 -25.23
N LEU B 169 -11.65 -23.69 -24.72
CA LEU B 169 -11.38 -23.65 -23.29
C LEU B 169 -12.70 -23.43 -22.55
N LYS B 170 -13.51 -22.48 -23.04
CA LYS B 170 -14.79 -22.20 -22.39
C LYS B 170 -15.68 -23.43 -22.42
N ARG B 171 -15.76 -24.07 -23.58
CA ARG B 171 -16.56 -25.28 -23.72
C ARG B 171 -16.08 -26.31 -22.72
N LYS B 172 -14.77 -26.47 -22.68
CA LYS B 172 -14.09 -27.40 -21.79
C LYS B 172 -14.45 -27.09 -20.34
N VAL B 173 -14.28 -25.84 -19.93
CA VAL B 173 -14.58 -25.44 -18.56
C VAL B 173 -16.05 -25.68 -18.20
N ASP B 174 -16.94 -25.38 -19.14
CA ASP B 174 -18.37 -25.57 -18.93
C ASP B 174 -18.77 -27.01 -18.60
N ALA B 175 -17.98 -27.98 -19.05
CA ALA B 175 -18.28 -29.38 -18.81
C ALA B 175 -18.05 -29.78 -17.35
N GLY B 176 -17.39 -28.92 -16.59
CA GLY B 176 -17.15 -29.20 -15.19
C GLY B 176 -15.69 -29.19 -14.76
N VAL B 177 -15.03 -28.05 -14.96
CA VAL B 177 -13.62 -27.90 -14.59
C VAL B 177 -13.44 -27.00 -13.36
N ASN B 178 -12.47 -27.32 -12.53
CA ASN B 178 -12.19 -26.52 -11.32
C ASN B 178 -11.10 -25.49 -11.56
N ARG B 179 -10.21 -25.75 -12.53
CA ARG B 179 -9.12 -24.82 -12.83
C ARG B 179 -8.43 -25.16 -14.15
N ALA B 180 -7.77 -24.17 -14.73
CA ALA B 180 -7.02 -24.35 -15.96
C ALA B 180 -5.56 -24.07 -15.62
N ILE B 181 -4.66 -24.85 -16.23
CA ILE B 181 -3.23 -24.70 -16.01
C ILE B 181 -2.63 -24.38 -17.38
N THR B 182 -1.93 -23.26 -17.50
CA THR B 182 -1.35 -22.90 -18.80
C THR B 182 -0.09 -23.65 -19.18
N GLN B 183 0.11 -23.69 -20.49
CA GLN B 183 1.29 -24.24 -21.12
C GLN B 183 2.36 -23.28 -20.58
N PHE B 184 3.62 -23.69 -20.51
CA PHE B 184 4.63 -22.76 -19.99
C PHE B 184 4.79 -21.60 -20.96
N PHE B 185 5.37 -20.50 -20.50
CA PHE B 185 5.58 -19.32 -21.33
C PHE B 185 6.73 -18.47 -20.79
N PHE B 186 7.29 -17.60 -21.63
CA PHE B 186 8.38 -16.74 -21.19
C PHE B 186 8.07 -15.28 -21.45
N ASP B 187 6.97 -15.05 -22.16
CA ASP B 187 6.48 -13.72 -22.48
C ASP B 187 5.37 -13.48 -21.45
N VAL B 188 5.71 -12.82 -20.35
CA VAL B 188 4.74 -12.58 -19.29
C VAL B 188 3.47 -11.86 -19.77
N GLU B 189 3.62 -10.89 -20.68
CA GLU B 189 2.46 -10.18 -21.19
C GLU B 189 1.45 -11.05 -21.92
N SER B 190 1.93 -12.11 -22.58
CA SER B 190 1.01 -13.01 -23.27
C SER B 190 0.09 -13.66 -22.26
N TYR B 191 0.64 -14.06 -21.11
CA TYR B 191 -0.19 -14.67 -20.08
C TYR B 191 -1.21 -13.67 -19.53
N LEU B 192 -0.75 -12.47 -19.18
CA LEU B 192 -1.63 -11.44 -18.62
C LEU B 192 -2.77 -11.09 -19.58
N ARG B 193 -2.45 -10.90 -20.85
CA ARG B 193 -3.47 -10.58 -21.84
C ARG B 193 -4.46 -11.76 -21.97
N PHE B 194 -3.93 -12.98 -22.03
CA PHE B 194 -4.77 -14.17 -22.14
C PHE B 194 -5.73 -14.27 -20.94
N ARG B 195 -5.22 -13.99 -19.75
CA ARG B 195 -6.05 -14.04 -18.55
C ARG B 195 -7.21 -13.06 -18.70
N ASP B 196 -6.95 -11.89 -19.28
CA ASP B 196 -8.00 -10.92 -19.48
C ASP B 196 -8.99 -11.42 -20.53
N ARG B 197 -8.47 -11.95 -21.64
CA ARG B 197 -9.34 -12.47 -22.70
C ARG B 197 -10.26 -13.58 -22.17
N CYS B 198 -9.76 -14.37 -21.22
CA CYS B 198 -10.57 -15.44 -20.65
C CYS B 198 -11.80 -14.85 -19.96
N VAL B 199 -11.61 -13.76 -19.23
CA VAL B 199 -12.74 -13.13 -18.57
C VAL B 199 -13.70 -12.67 -19.68
N SER B 200 -13.16 -12.00 -20.69
CA SER B 200 -13.97 -11.53 -21.81
C SER B 200 -14.71 -12.65 -22.50
N ALA B 201 -14.20 -13.87 -22.37
CA ALA B 201 -14.83 -15.03 -22.98
C ALA B 201 -15.84 -15.69 -22.03
N GLY B 202 -15.97 -15.15 -20.81
CA GLY B 202 -16.91 -15.71 -19.87
C GLY B 202 -16.43 -16.97 -19.15
N ILE B 203 -15.12 -17.16 -19.08
CA ILE B 203 -14.55 -18.33 -18.40
C ILE B 203 -14.33 -17.94 -16.94
N ASP B 204 -14.99 -18.64 -16.01
CA ASP B 204 -14.90 -18.30 -14.60
C ASP B 204 -13.90 -18.98 -13.69
N VAL B 205 -13.05 -19.86 -14.23
CA VAL B 205 -12.07 -20.53 -13.38
C VAL B 205 -10.75 -19.76 -13.38
N GLU B 206 -9.94 -19.99 -12.37
CA GLU B 206 -8.66 -19.33 -12.29
C GLU B 206 -7.78 -19.90 -13.42
N ILE B 207 -6.92 -19.06 -13.98
CA ILE B 207 -6.02 -19.48 -15.04
C ILE B 207 -4.66 -19.56 -14.37
N ILE B 208 -4.27 -20.76 -13.94
CA ILE B 208 -3.00 -20.93 -13.25
C ILE B 208 -1.80 -21.03 -14.19
N PRO B 209 -0.82 -20.14 -14.02
CA PRO B 209 0.34 -20.22 -14.90
C PRO B 209 1.24 -21.42 -14.61
N GLY B 210 1.62 -22.10 -15.70
CA GLY B 210 2.52 -23.23 -15.58
C GLY B 210 3.90 -22.63 -15.75
N ILE B 211 4.75 -22.80 -14.75
CA ILE B 211 6.09 -22.24 -14.75
C ILE B 211 7.17 -23.29 -15.06
N LEU B 212 7.99 -23.01 -16.06
CA LEU B 212 9.07 -23.93 -16.40
C LEU B 212 10.41 -23.27 -16.09
N PRO B 213 11.09 -23.71 -15.01
CA PRO B 213 12.40 -23.16 -14.64
C PRO B 213 13.38 -23.76 -15.64
N VAL B 214 14.07 -22.91 -16.38
CA VAL B 214 14.99 -23.41 -17.40
C VAL B 214 16.43 -23.61 -16.95
N SER B 215 16.91 -24.85 -17.03
CA SER B 215 18.28 -25.18 -16.68
C SER B 215 18.94 -25.71 -17.96
N ASN B 216 18.15 -26.37 -18.79
CA ASN B 216 18.66 -26.87 -20.06
C ASN B 216 17.92 -26.10 -21.17
N PHE B 217 18.53 -25.03 -21.65
CA PHE B 217 17.92 -24.21 -22.69
C PHE B 217 17.74 -24.95 -24.02
N LYS B 218 18.75 -25.69 -24.46
CA LYS B 218 18.63 -26.43 -25.73
C LYS B 218 17.34 -27.24 -25.78
N GLN B 219 17.09 -28.00 -24.72
CA GLN B 219 15.90 -28.82 -24.68
C GLN B 219 14.63 -27.98 -24.51
N ALA B 220 14.69 -26.92 -23.72
CA ALA B 220 13.50 -26.08 -23.54
C ALA B 220 13.13 -25.39 -24.87
N LYS B 221 14.13 -24.95 -25.61
CA LYS B 221 13.91 -24.30 -26.89
C LYS B 221 13.25 -25.26 -27.88
N LYS B 222 13.67 -26.51 -27.87
CA LYS B 222 13.11 -27.50 -28.79
C LYS B 222 11.66 -27.76 -28.44
N PHE B 223 11.37 -27.89 -27.16
CA PHE B 223 9.99 -28.13 -26.72
C PHE B 223 9.18 -26.87 -27.05
N ALA B 224 9.76 -25.70 -26.82
CA ALA B 224 9.08 -24.45 -27.10
C ALA B 224 8.73 -24.35 -28.58
N ASP B 225 9.71 -24.65 -29.44
CA ASP B 225 9.49 -24.59 -30.88
C ASP B 225 8.39 -25.53 -31.36
N MET B 226 8.22 -26.65 -30.68
CA MET B 226 7.17 -27.62 -31.05
C MET B 226 5.79 -27.23 -30.52
N THR B 227 5.77 -26.43 -29.44
CA THR B 227 4.51 -26.05 -28.82
C THR B 227 4.03 -24.64 -29.10
N ASN B 228 4.73 -23.93 -29.98
CA ASN B 228 4.35 -22.56 -30.33
C ASN B 228 4.62 -21.56 -29.21
N VAL B 229 5.54 -21.90 -28.31
CA VAL B 229 5.87 -21.02 -27.20
C VAL B 229 7.03 -20.11 -27.62
N ARG B 230 6.80 -18.80 -27.54
CA ARG B 230 7.82 -17.85 -27.96
C ARG B 230 8.94 -17.62 -26.94
N ILE B 231 10.18 -17.62 -27.45
CA ILE B 231 11.35 -17.37 -26.63
C ILE B 231 11.80 -15.95 -26.97
N PRO B 232 11.54 -14.99 -26.07
CA PRO B 232 11.98 -13.64 -26.41
C PRO B 232 13.47 -13.58 -26.75
N ALA B 233 13.83 -12.62 -27.58
CA ALA B 233 15.22 -12.46 -27.99
C ALA B 233 16.16 -12.28 -26.82
N TRP B 234 15.75 -11.51 -25.81
CA TRP B 234 16.64 -11.30 -24.67
C TRP B 234 16.96 -12.62 -23.96
N MET B 235 15.99 -13.53 -23.92
CA MET B 235 16.20 -14.81 -23.26
C MET B 235 17.17 -15.70 -24.06
N ALA B 236 17.00 -15.68 -25.39
CA ALA B 236 17.88 -16.46 -26.25
C ALA B 236 19.31 -15.96 -26.08
N GLN B 237 19.48 -14.65 -25.95
CA GLN B 237 20.81 -14.06 -25.78
C GLN B 237 21.38 -14.42 -24.42
N MET B 238 20.49 -14.51 -23.43
CA MET B 238 20.88 -14.82 -22.07
C MET B 238 21.47 -16.24 -21.94
N PHE B 239 20.98 -17.16 -22.77
CA PHE B 239 21.49 -18.53 -22.74
C PHE B 239 22.53 -18.80 -23.81
N ASP B 240 22.77 -17.81 -24.67
CA ASP B 240 23.76 -17.98 -25.73
C ASP B 240 25.15 -18.16 -25.14
N GLY B 241 25.85 -19.19 -25.61
CA GLY B 241 27.19 -19.45 -25.13
C GLY B 241 27.31 -20.25 -23.85
N LEU B 242 26.19 -20.79 -23.37
CA LEU B 242 26.20 -21.57 -22.14
C LEU B 242 25.97 -23.08 -22.32
N ASP B 243 26.13 -23.58 -23.54
CA ASP B 243 25.90 -25.01 -23.78
C ASP B 243 26.71 -25.94 -22.87
N ASP B 244 27.92 -25.52 -22.50
CA ASP B 244 28.77 -26.36 -21.64
C ASP B 244 28.95 -25.79 -20.23
N ASP B 245 28.02 -24.95 -19.80
CA ASP B 245 28.11 -24.34 -18.47
C ASP B 245 26.78 -24.52 -17.74
N ALA B 246 26.58 -25.70 -17.18
CA ALA B 246 25.34 -26.00 -16.45
C ALA B 246 25.13 -25.06 -15.27
N GLU B 247 26.19 -24.74 -14.55
CA GLU B 247 26.10 -23.84 -13.41
C GLU B 247 25.58 -22.45 -13.77
N THR B 248 26.14 -21.86 -14.81
CA THR B 248 25.67 -20.52 -15.17
C THR B 248 24.23 -20.62 -15.67
N ARG B 249 23.89 -21.70 -16.38
CA ARG B 249 22.53 -21.86 -16.90
C ARG B 249 21.53 -21.91 -15.76
N LYS B 250 21.89 -22.60 -14.69
CA LYS B 250 20.99 -22.73 -13.55
C LYS B 250 20.76 -21.39 -12.85
N LEU B 251 21.82 -20.60 -12.69
CA LEU B 251 21.70 -19.30 -12.04
C LEU B 251 20.89 -18.34 -12.91
N VAL B 252 21.15 -18.34 -14.21
CA VAL B 252 20.41 -17.49 -15.14
C VAL B 252 18.95 -17.93 -15.22
N GLY B 253 18.73 -19.24 -15.29
CA GLY B 253 17.36 -19.74 -15.35
C GLY B 253 16.58 -19.41 -14.10
N ALA B 254 17.21 -19.56 -12.93
CA ALA B 254 16.54 -19.25 -11.66
C ALA B 254 16.18 -17.76 -11.66
N ASN B 255 17.12 -16.92 -12.08
CA ASN B 255 16.88 -15.49 -12.13
C ASN B 255 15.63 -15.20 -12.97
N ILE B 256 15.53 -15.84 -14.12
CA ILE B 256 14.39 -15.64 -15.01
C ILE B 256 13.08 -16.10 -14.38
N ALA B 257 13.09 -17.30 -13.83
CA ALA B 257 11.90 -17.86 -13.20
C ALA B 257 11.46 -16.97 -12.04
N MET B 258 12.42 -16.56 -11.22
CA MET B 258 12.13 -15.70 -10.08
C MET B 258 11.56 -14.35 -10.50
N ASP B 259 12.13 -13.76 -11.55
CA ASP B 259 11.63 -12.47 -12.03
C ASP B 259 10.20 -12.65 -12.48
N MET B 260 9.93 -13.74 -13.20
CA MET B 260 8.58 -14.03 -13.69
C MET B 260 7.54 -14.17 -12.58
N VAL B 261 7.80 -15.01 -11.57
CA VAL B 261 6.78 -15.17 -10.54
C VAL B 261 6.61 -13.91 -9.69
N LYS B 262 7.64 -13.08 -9.62
CA LYS B 262 7.56 -11.83 -8.85
C LYS B 262 6.57 -10.87 -9.51
N ILE B 263 6.68 -10.75 -10.83
CA ILE B 263 5.81 -9.90 -11.61
C ILE B 263 4.39 -10.44 -11.63
N LEU B 264 4.25 -11.75 -11.81
CA LEU B 264 2.92 -12.36 -11.84
C LEU B 264 2.23 -12.15 -10.50
N SER B 265 2.99 -12.34 -9.42
CA SER B 265 2.46 -12.17 -8.07
C SER B 265 1.93 -10.74 -7.90
N ARG B 266 2.67 -9.76 -8.41
CA ARG B 266 2.24 -8.38 -8.28
C ARG B 266 0.98 -8.12 -9.09
N GLU B 267 0.73 -8.95 -10.11
CA GLU B 267 -0.45 -8.80 -10.94
C GLU B 267 -1.65 -9.59 -10.42
N GLY B 268 -1.54 -10.07 -9.18
CA GLY B 268 -2.66 -10.80 -8.59
C GLY B 268 -2.63 -12.31 -8.64
N VAL B 269 -1.66 -12.91 -9.31
CA VAL B 269 -1.61 -14.36 -9.37
C VAL B 269 -1.24 -14.94 -8.00
N LYS B 270 -2.05 -15.86 -7.51
CA LYS B 270 -1.82 -16.48 -6.21
C LYS B 270 -1.71 -18.01 -6.31
N ASP B 271 -1.58 -18.51 -7.54
CA ASP B 271 -1.46 -19.95 -7.81
C ASP B 271 -0.42 -20.18 -8.88
N PHE B 272 0.53 -21.09 -8.62
CA PHE B 272 1.56 -21.42 -9.60
C PHE B 272 1.70 -22.93 -9.70
N HIS B 273 1.88 -23.41 -10.92
CA HIS B 273 2.06 -24.84 -11.18
C HIS B 273 3.47 -24.97 -11.80
N PHE B 274 4.34 -25.74 -11.16
CA PHE B 274 5.72 -25.88 -11.63
C PHE B 274 6.04 -27.15 -12.41
N TYR B 275 6.65 -26.97 -13.57
CA TYR B 275 7.07 -28.10 -14.39
C TYR B 275 8.45 -28.37 -13.85
N THR B 276 8.52 -29.24 -12.83
CA THR B 276 9.77 -29.57 -12.17
C THR B 276 10.77 -30.41 -12.96
N LEU B 277 10.28 -31.15 -13.94
CA LEU B 277 11.13 -32.07 -14.72
C LEU B 277 11.80 -33.02 -13.72
N ASN B 278 11.07 -33.30 -12.63
CA ASN B 278 11.51 -34.20 -11.58
C ASN B 278 12.68 -33.73 -10.70
N ARG B 279 13.07 -32.46 -10.84
CA ARG B 279 14.15 -31.91 -10.03
C ARG B 279 13.53 -30.88 -9.09
N ALA B 280 14.04 -30.80 -7.88
CA ALA B 280 13.48 -29.89 -6.87
C ALA B 280 14.16 -28.54 -6.68
N GLU B 281 15.48 -28.52 -6.81
CA GLU B 281 16.28 -27.32 -6.59
C GLU B 281 15.68 -25.99 -7.04
N MET B 282 15.47 -25.87 -8.34
CA MET B 282 14.96 -24.62 -8.88
C MET B 282 13.56 -24.25 -8.37
N SER B 283 12.60 -25.15 -8.52
CA SER B 283 11.24 -24.87 -8.07
C SER B 283 11.19 -24.56 -6.57
N TYR B 284 12.01 -25.26 -5.80
CA TYR B 284 12.05 -25.06 -4.35
C TYR B 284 12.49 -23.63 -4.05
N ALA B 285 13.57 -23.20 -4.70
CA ALA B 285 14.10 -21.86 -4.49
C ALA B 285 13.10 -20.79 -4.98
N ILE B 286 12.43 -21.06 -6.09
CA ILE B 286 11.46 -20.11 -6.60
C ILE B 286 10.32 -19.97 -5.59
N CYS B 287 9.85 -21.10 -5.08
CA CYS B 287 8.77 -21.09 -4.11
C CYS B 287 9.22 -20.30 -2.87
N HIS B 288 10.48 -20.47 -2.47
CA HIS B 288 10.99 -19.74 -1.31
C HIS B 288 10.82 -18.23 -1.50
N THR B 289 11.24 -17.70 -2.65
CA THR B 289 11.09 -16.26 -2.89
C THR B 289 9.63 -15.84 -2.86
N LEU B 290 8.74 -16.81 -3.05
CA LEU B 290 7.30 -16.57 -3.02
C LEU B 290 6.74 -16.68 -1.60
N GLY B 291 7.61 -16.98 -0.64
CA GLY B 291 7.16 -17.10 0.74
C GLY B 291 6.61 -18.47 1.07
N VAL B 292 6.73 -19.40 0.13
CA VAL B 292 6.25 -20.77 0.31
C VAL B 292 7.45 -21.54 0.86
N ARG B 293 7.47 -21.75 2.17
CA ARG B 293 8.59 -22.42 2.82
C ARG B 293 8.13 -23.51 3.81
N PRO B 294 9.08 -24.36 4.29
CA PRO B 294 8.73 -25.43 5.23
C PRO B 294 8.19 -24.88 6.56
N GLY C 21 -13.42 22.01 -9.66
CA GLY C 21 -12.33 21.10 -9.17
C GLY C 21 -12.28 19.81 -9.96
N GLN C 22 -13.40 19.42 -10.52
CA GLN C 22 -13.49 18.20 -11.33
C GLN C 22 -13.48 16.97 -10.43
N ILE C 23 -13.30 17.19 -9.13
CA ILE C 23 -13.29 16.10 -8.16
C ILE C 23 -14.65 15.97 -7.47
N ASN C 24 -15.21 14.77 -7.50
CA ASN C 24 -16.49 14.50 -6.86
C ASN C 24 -16.28 13.61 -5.64
N VAL C 25 -17.00 13.90 -4.56
CA VAL C 25 -16.89 13.09 -3.34
C VAL C 25 -18.28 12.72 -2.82
N SER C 26 -18.33 11.63 -2.07
CA SER C 26 -19.55 11.15 -1.46
C SER C 26 -19.15 10.62 -0.09
N PHE C 27 -20.08 10.64 0.86
CA PHE C 27 -19.77 10.15 2.21
C PHE C 27 -20.70 9.03 2.63
N GLU C 28 -20.16 8.09 3.38
CA GLU C 28 -20.92 6.97 3.87
C GLU C 28 -21.06 7.05 5.39
N PHE C 29 -22.26 6.81 5.89
CA PHE C 29 -22.56 6.86 7.32
C PHE C 29 -23.28 5.58 7.74
N PHE C 30 -23.32 5.31 9.04
CA PHE C 30 -24.02 4.13 9.52
C PHE C 30 -25.06 4.53 10.58
N PRO C 31 -26.13 3.73 10.73
CA PRO C 31 -27.16 4.06 11.73
C PRO C 31 -26.63 4.05 13.15
N PRO C 32 -26.76 5.17 13.86
CA PRO C 32 -26.26 5.23 15.25
C PRO C 32 -27.07 4.30 16.16
N ARG C 33 -26.39 3.64 17.10
CA ARG C 33 -27.05 2.72 18.02
C ARG C 33 -27.17 3.28 19.44
N THR C 34 -26.69 4.52 19.63
CA THR C 34 -26.73 5.19 20.93
C THR C 34 -26.98 6.69 20.75
N SER C 35 -27.44 7.34 21.81
CA SER C 35 -27.70 8.77 21.78
C SER C 35 -26.43 9.53 21.42
N GLU C 36 -25.31 9.09 22.01
CA GLU C 36 -24.01 9.72 21.76
C GLU C 36 -23.60 9.62 20.29
N MET C 37 -23.73 8.44 19.70
CA MET C 37 -23.34 8.29 18.31
C MET C 37 -24.26 9.09 17.41
N GLU C 38 -25.53 9.19 17.81
CA GLU C 38 -26.47 9.97 17.00
C GLU C 38 -26.06 11.44 16.97
N GLN C 39 -25.61 11.97 18.10
CA GLN C 39 -25.19 13.37 18.13
C GLN C 39 -23.94 13.55 17.27
N THR C 40 -23.00 12.60 17.39
CA THR C 40 -21.78 12.67 16.61
C THR C 40 -22.12 12.72 15.12
N LEU C 41 -22.99 11.81 14.69
CA LEU C 41 -23.41 11.73 13.30
C LEU C 41 -23.98 13.02 12.72
N TRP C 42 -24.96 13.61 13.39
CA TRP C 42 -25.55 14.84 12.88
C TRP C 42 -24.57 15.99 12.83
N ASN C 43 -23.60 15.99 13.75
CA ASN C 43 -22.58 17.05 13.72
C ASN C 43 -21.75 16.84 12.46
N SER C 44 -21.43 15.58 12.18
CA SER C 44 -20.63 15.23 11.00
C SER C 44 -21.39 15.56 9.72
N ILE C 45 -22.68 15.22 9.69
CA ILE C 45 -23.49 15.50 8.54
C ILE C 45 -23.50 17.00 8.23
N ASP C 46 -23.70 17.84 9.25
CA ASP C 46 -23.69 19.28 9.00
C ASP C 46 -22.35 19.72 8.44
N ARG C 47 -21.28 19.27 9.09
CA ARG C 47 -19.93 19.62 8.68
C ARG C 47 -19.64 19.21 7.22
N LEU C 48 -19.87 17.94 6.91
CA LEU C 48 -19.59 17.41 5.58
C LEU C 48 -20.56 17.85 4.48
N SER C 49 -21.78 18.23 4.86
CA SER C 49 -22.76 18.64 3.88
C SER C 49 -22.29 19.92 3.19
N SER C 50 -21.52 20.73 3.91
CA SER C 50 -21.02 21.97 3.35
C SER C 50 -20.03 21.76 2.21
N LEU C 51 -19.58 20.53 2.01
CA LEU C 51 -18.65 20.23 0.93
C LEU C 51 -19.38 19.86 -0.36
N LYS C 52 -20.70 19.95 -0.32
CA LYS C 52 -21.55 19.64 -1.46
C LYS C 52 -21.24 18.30 -2.10
N PRO C 53 -21.26 17.22 -1.31
CA PRO C 53 -20.97 15.92 -1.90
C PRO C 53 -22.00 15.58 -2.97
N LYS C 54 -21.60 14.79 -3.96
CA LYS C 54 -22.50 14.38 -5.03
C LYS C 54 -23.66 13.61 -4.39
N PHE C 55 -23.36 12.90 -3.30
CA PHE C 55 -24.37 12.14 -2.57
C PHE C 55 -23.77 11.58 -1.30
N VAL C 56 -24.63 11.10 -0.41
CA VAL C 56 -24.16 10.46 0.81
C VAL C 56 -24.97 9.18 0.90
N SER C 57 -24.46 8.19 1.63
CA SER C 57 -25.18 6.93 1.75
C SER C 57 -25.18 6.48 3.20
N VAL C 58 -26.12 5.59 3.53
CA VAL C 58 -26.24 5.09 4.88
C VAL C 58 -26.31 3.57 4.82
N THR C 59 -25.39 2.92 5.52
CA THR C 59 -25.32 1.47 5.52
C THR C 59 -26.48 0.77 6.24
N TYR C 60 -26.50 -0.55 6.07
CA TYR C 60 -27.51 -1.40 6.68
C TYR C 60 -26.86 -2.53 7.48
N GLY C 61 -27.53 -2.89 8.57
CA GLY C 61 -27.06 -3.97 9.43
C GLY C 61 -28.29 -4.72 9.94
N ALA C 62 -28.56 -5.90 9.37
CA ALA C 62 -29.72 -6.70 9.77
C ALA C 62 -29.94 -6.73 11.27
N ASN C 63 -28.92 -7.17 12.01
CA ASN C 63 -29.00 -7.25 13.46
C ASN C 63 -28.33 -6.07 14.15
N SER C 64 -28.07 -5.01 13.39
CA SER C 64 -27.43 -3.83 13.94
C SER C 64 -28.18 -2.54 13.55
N GLY C 65 -29.51 -2.61 13.58
CA GLY C 65 -30.32 -1.45 13.24
C GLY C 65 -31.53 -1.75 12.38
N GLU C 66 -31.39 -2.68 11.43
CA GLU C 66 -32.48 -3.04 10.54
C GLU C 66 -32.79 -1.94 9.53
N ARG C 67 -33.70 -2.23 8.61
CA ARG C 67 -34.09 -1.28 7.58
C ARG C 67 -34.66 0.03 8.10
N ASP C 68 -35.48 -0.02 9.17
CA ASP C 68 -36.07 1.19 9.69
C ASP C 68 -35.05 2.22 10.19
N ARG C 69 -33.96 1.76 10.82
CA ARG C 69 -32.95 2.68 11.30
C ARG C 69 -32.22 3.33 10.12
N THR C 70 -31.91 2.52 9.10
CA THR C 70 -31.25 3.03 7.91
C THR C 70 -32.14 4.07 7.24
N HIS C 71 -33.41 3.71 7.05
CA HIS C 71 -34.38 4.60 6.41
C HIS C 71 -34.53 5.91 7.18
N SER C 72 -34.56 5.80 8.50
CA SER C 72 -34.70 6.97 9.36
C SER C 72 -33.59 7.98 9.11
N ILE C 73 -32.34 7.51 9.15
CA ILE C 73 -31.22 8.41 8.91
C ILE C 73 -31.30 9.01 7.51
N ILE C 74 -31.69 8.20 6.51
CA ILE C 74 -31.78 8.72 5.14
C ILE C 74 -32.81 9.86 5.07
N LYS C 75 -33.98 9.65 5.68
CA LYS C 75 -35.03 10.66 5.68
C LYS C 75 -34.53 11.91 6.38
N GLY C 76 -33.92 11.73 7.55
CA GLY C 76 -33.39 12.86 8.28
C GLY C 76 -32.39 13.66 7.47
N ILE C 77 -31.45 12.97 6.83
CA ILE C 77 -30.45 13.66 6.02
C ILE C 77 -31.08 14.47 4.90
N LYS C 78 -32.04 13.86 4.20
CA LYS C 78 -32.71 14.53 3.10
C LYS C 78 -33.43 15.81 3.54
N ASP C 79 -34.29 15.69 4.56
CA ASP C 79 -35.03 16.86 5.03
C ASP C 79 -34.09 17.94 5.53
N ARG C 80 -33.11 17.54 6.32
CA ARG C 80 -32.15 18.45 6.92
C ARG C 80 -31.15 19.15 5.99
N THR C 81 -30.61 18.43 5.01
CA THR C 81 -29.62 19.01 4.11
C THR C 81 -30.07 19.15 2.66
N GLY C 82 -31.07 18.37 2.28
CA GLY C 82 -31.55 18.42 0.91
C GLY C 82 -30.60 17.70 -0.05
N LEU C 83 -29.62 16.99 0.50
CA LEU C 83 -28.66 16.24 -0.31
C LEU C 83 -29.25 14.93 -0.82
N GLU C 84 -28.67 14.39 -1.88
CA GLU C 84 -29.13 13.10 -2.41
C GLU C 84 -28.61 12.09 -1.39
N ALA C 85 -29.51 11.30 -0.81
CA ALA C 85 -29.11 10.32 0.20
C ALA C 85 -29.49 8.92 -0.23
N ALA C 86 -28.48 8.07 -0.43
CA ALA C 86 -28.69 6.71 -0.90
C ALA C 86 -28.63 5.64 0.19
N PRO C 87 -29.74 4.92 0.40
CA PRO C 87 -29.70 3.88 1.43
C PRO C 87 -29.02 2.65 0.85
N HIS C 88 -28.37 1.88 1.71
CA HIS C 88 -27.77 0.64 1.26
C HIS C 88 -28.87 -0.38 1.48
N LEU C 89 -29.34 -0.99 0.39
CA LEU C 89 -30.41 -1.97 0.46
C LEU C 89 -29.84 -3.35 0.14
N THR C 90 -30.02 -4.29 1.06
CA THR C 90 -29.51 -5.64 0.86
C THR C 90 -30.70 -6.54 0.54
N CYS C 91 -30.44 -7.72 0.00
CA CYS C 91 -31.53 -8.62 -0.30
C CYS C 91 -31.41 -9.92 0.47
N ILE C 92 -31.04 -9.82 1.73
CA ILE C 92 -30.91 -10.99 2.58
C ILE C 92 -32.09 -11.01 3.55
N ASP C 93 -32.69 -12.19 3.69
CA ASP C 93 -33.86 -12.35 4.55
C ASP C 93 -34.98 -11.45 4.08
N ALA C 94 -34.94 -11.09 2.81
CA ALA C 94 -35.97 -10.23 2.21
C ALA C 94 -36.51 -10.93 0.97
N THR C 95 -37.82 -10.87 0.76
CA THR C 95 -38.42 -11.52 -0.38
C THR C 95 -38.53 -10.52 -1.54
N PRO C 96 -38.62 -11.01 -2.78
CA PRO C 96 -38.74 -10.14 -3.95
C PRO C 96 -39.90 -9.15 -3.82
N ASP C 97 -41.04 -9.62 -3.30
CA ASP C 97 -42.20 -8.75 -3.12
C ASP C 97 -41.92 -7.64 -2.11
N GLU C 98 -41.32 -8.00 -0.99
CA GLU C 98 -40.98 -7.02 0.05
C GLU C 98 -40.05 -5.97 -0.55
N LEU C 99 -39.03 -6.44 -1.27
CA LEU C 99 -38.06 -5.54 -1.88
C LEU C 99 -38.73 -4.59 -2.86
N ARG C 100 -39.76 -5.06 -3.57
CA ARG C 100 -40.47 -4.22 -4.51
C ARG C 100 -41.26 -3.13 -3.80
N THR C 101 -41.93 -3.49 -2.71
CA THR C 101 -42.71 -2.54 -1.93
C THR C 101 -41.76 -1.48 -1.37
N ILE C 102 -40.64 -1.96 -0.85
CA ILE C 102 -39.62 -1.08 -0.27
C ILE C 102 -39.13 -0.06 -1.29
N ALA C 103 -38.76 -0.53 -2.47
CA ALA C 103 -38.27 0.34 -3.54
C ALA C 103 -39.35 1.34 -3.96
N ARG C 104 -40.58 0.86 -4.07
CA ARG C 104 -41.71 1.71 -4.46
C ARG C 104 -41.81 2.87 -3.48
N ASP C 105 -41.86 2.54 -2.21
CA ASP C 105 -41.98 3.54 -1.14
C ASP C 105 -40.84 4.56 -1.21
N TYR C 106 -39.61 4.07 -1.38
CA TYR C 106 -38.45 4.94 -1.47
C TYR C 106 -38.57 5.91 -2.62
N TRP C 107 -38.91 5.38 -3.79
CA TRP C 107 -39.05 6.19 -4.98
C TRP C 107 -40.13 7.26 -4.86
N ASN C 108 -41.35 6.84 -4.50
CA ASN C 108 -42.44 7.81 -4.38
C ASN C 108 -42.09 8.92 -3.39
N ASN C 109 -41.22 8.59 -2.43
CA ASN C 109 -40.81 9.56 -1.41
C ASN C 109 -39.49 10.27 -1.69
N GLY C 110 -39.13 10.38 -2.97
CA GLY C 110 -37.92 11.09 -3.33
C GLY C 110 -36.56 10.38 -3.29
N ILE C 111 -36.50 9.16 -2.78
CA ILE C 111 -35.24 8.41 -2.72
C ILE C 111 -34.99 7.72 -4.06
N ARG C 112 -34.20 8.36 -4.93
CA ARG C 112 -33.93 7.82 -6.26
C ARG C 112 -32.56 7.20 -6.52
N HIS C 113 -31.74 7.08 -5.47
CA HIS C 113 -30.42 6.48 -5.58
C HIS C 113 -30.30 5.43 -4.50
N ILE C 114 -30.01 4.19 -4.91
CA ILE C 114 -29.87 3.08 -3.98
C ILE C 114 -28.55 2.37 -4.19
N VAL C 115 -27.92 1.94 -3.09
CA VAL C 115 -26.68 1.19 -3.17
C VAL C 115 -27.19 -0.24 -3.03
N ALA C 116 -27.27 -0.95 -4.15
CA ALA C 116 -27.78 -2.32 -4.17
C ALA C 116 -26.72 -3.35 -3.81
N LEU C 117 -27.00 -4.13 -2.77
CA LEU C 117 -26.07 -5.12 -2.27
C LEU C 117 -26.75 -6.45 -1.95
N ARG C 118 -25.96 -7.51 -1.88
CA ARG C 118 -26.53 -8.80 -1.51
C ARG C 118 -26.67 -8.73 0.00
N GLY C 119 -25.61 -8.24 0.64
CA GLY C 119 -25.60 -8.11 2.09
C GLY C 119 -24.72 -9.11 2.82
N ASP C 120 -24.11 -8.67 3.92
CA ASP C 120 -23.28 -9.57 4.72
C ASP C 120 -24.23 -10.65 5.22
N LEU C 121 -23.90 -11.91 5.00
CA LEU C 121 -24.76 -13.00 5.43
C LEU C 121 -24.76 -13.15 6.95
N PRO C 122 -25.86 -12.75 7.62
CA PRO C 122 -25.97 -12.86 9.07
C PRO C 122 -26.09 -14.32 9.51
N PRO C 128 -28.32 -19.73 -1.82
CA PRO C 128 -27.75 -18.41 -2.17
C PRO C 128 -28.82 -17.34 -2.28
N GLU C 129 -30.03 -17.75 -2.63
CA GLU C 129 -31.14 -16.82 -2.78
C GLU C 129 -30.82 -15.84 -3.90
N MET C 130 -30.92 -14.55 -3.61
CA MET C 130 -30.63 -13.51 -4.61
C MET C 130 -29.21 -12.99 -4.48
N TYR C 131 -28.62 -12.60 -5.61
CA TYR C 131 -27.29 -12.01 -5.62
C TYR C 131 -27.58 -10.54 -5.91
N ALA C 132 -26.59 -9.66 -5.74
CA ALA C 132 -26.82 -8.25 -5.98
C ALA C 132 -27.35 -7.98 -7.39
N SER C 133 -26.89 -8.76 -8.36
CA SER C 133 -27.34 -8.57 -9.74
C SER C 133 -28.84 -8.78 -9.85
N ASP C 134 -29.39 -9.70 -9.07
CA ASP C 134 -30.83 -9.95 -9.08
C ASP C 134 -31.55 -8.75 -8.48
N LEU C 135 -30.93 -8.10 -7.49
CA LEU C 135 -31.52 -6.95 -6.84
C LEU C 135 -31.54 -5.75 -7.78
N VAL C 136 -30.45 -5.57 -8.53
CA VAL C 136 -30.37 -4.47 -9.48
C VAL C 136 -31.50 -4.58 -10.49
N THR C 137 -31.72 -5.79 -11.01
CA THR C 137 -32.78 -6.02 -12.00
C THR C 137 -34.14 -5.69 -11.40
N LEU C 138 -34.41 -6.23 -10.21
CA LEU C 138 -35.67 -5.99 -9.52
C LEU C 138 -35.91 -4.50 -9.34
N LEU C 139 -34.88 -3.77 -8.91
CA LEU C 139 -34.99 -2.34 -8.69
C LEU C 139 -35.33 -1.57 -9.97
N LYS C 140 -34.63 -1.89 -11.06
CA LYS C 140 -34.88 -1.20 -12.33
C LYS C 140 -36.29 -1.46 -12.85
N GLU C 141 -36.85 -2.60 -12.51
CA GLU C 141 -38.21 -2.93 -12.94
C GLU C 141 -39.17 -1.98 -12.24
N VAL C 142 -38.89 -1.69 -10.97
CA VAL C 142 -39.74 -0.79 -10.20
C VAL C 142 -39.66 0.65 -10.71
N ALA C 143 -38.44 1.17 -10.81
CA ALA C 143 -38.24 2.53 -11.30
C ALA C 143 -36.82 2.74 -11.80
N ASP C 144 -36.60 3.83 -12.52
CA ASP C 144 -35.30 4.13 -13.08
C ASP C 144 -34.36 4.72 -12.02
N PHE C 145 -34.02 3.91 -11.01
CA PHE C 145 -33.14 4.36 -9.94
C PHE C 145 -31.72 4.58 -10.43
N ASP C 146 -30.98 5.37 -9.64
CA ASP C 146 -29.58 5.63 -9.88
C ASP C 146 -29.05 4.50 -8.99
N ILE C 147 -28.20 3.63 -9.52
CA ILE C 147 -27.72 2.52 -8.70
C ILE C 147 -26.21 2.41 -8.58
N SER C 148 -25.75 2.13 -7.36
CA SER C 148 -24.33 1.95 -7.06
C SER C 148 -24.17 0.52 -6.53
N VAL C 149 -23.07 -0.14 -6.88
CA VAL C 149 -22.83 -1.49 -6.39
C VAL C 149 -21.39 -1.63 -5.87
N ALA C 150 -21.16 -2.71 -5.14
CA ALA C 150 -19.87 -2.98 -4.55
C ALA C 150 -18.92 -3.71 -5.50
N ALA C 151 -17.64 -3.35 -5.43
CA ALA C 151 -16.59 -3.98 -6.25
C ALA C 151 -15.44 -4.33 -5.28
N TYR C 152 -14.71 -5.39 -5.58
CA TYR C 152 -13.64 -5.82 -4.68
C TYR C 152 -12.28 -5.96 -5.34
N PRO C 153 -11.43 -4.93 -5.22
CA PRO C 153 -10.09 -4.95 -5.80
C PRO C 153 -9.25 -6.13 -5.34
N GLU C 154 -9.51 -6.62 -4.13
CA GLU C 154 -8.75 -7.76 -3.63
C GLU C 154 -9.57 -9.03 -3.59
N VAL C 155 -10.66 -9.02 -4.36
CA VAL C 155 -11.57 -10.15 -4.52
C VAL C 155 -12.45 -10.45 -3.32
N HIS C 156 -13.74 -10.63 -3.57
CA HIS C 156 -14.69 -10.95 -2.52
C HIS C 156 -14.30 -12.30 -1.91
N PRO C 157 -14.20 -12.37 -0.58
CA PRO C 157 -13.83 -13.61 0.13
C PRO C 157 -14.56 -14.90 -0.26
N GLU C 158 -15.78 -14.82 -0.77
CA GLU C 158 -16.52 -16.02 -1.14
C GLU C 158 -16.47 -16.39 -2.62
N ALA C 159 -15.85 -15.54 -3.43
CA ALA C 159 -15.78 -15.77 -4.86
C ALA C 159 -15.05 -17.07 -5.21
N LYS C 160 -15.54 -17.73 -6.25
CA LYS C 160 -14.93 -18.98 -6.71
C LYS C 160 -13.50 -18.72 -7.18
N SER C 161 -13.28 -17.54 -7.75
CA SER C 161 -11.96 -17.16 -8.24
C SER C 161 -11.98 -15.67 -8.58
N ALA C 162 -10.79 -15.10 -8.82
CA ALA C 162 -10.69 -13.68 -9.16
C ALA C 162 -11.41 -13.42 -10.48
N GLN C 163 -11.24 -14.35 -11.42
CA GLN C 163 -11.88 -14.26 -12.73
C GLN C 163 -13.40 -14.20 -12.58
N ALA C 164 -13.95 -15.12 -11.79
CA ALA C 164 -15.37 -15.19 -11.54
C ALA C 164 -15.89 -13.93 -10.86
N ASP C 165 -15.12 -13.40 -9.91
CA ASP C 165 -15.56 -12.22 -9.20
C ASP C 165 -15.65 -11.02 -10.14
N LEU C 166 -14.72 -10.94 -11.08
CA LEU C 166 -14.73 -9.86 -12.05
C LEU C 166 -15.92 -10.04 -13.01
N LEU C 167 -16.15 -11.28 -13.42
CA LEU C 167 -17.27 -11.58 -14.33
C LEU C 167 -18.60 -11.24 -13.68
N ASN C 168 -18.69 -11.50 -12.39
CA ASN C 168 -19.91 -11.23 -11.65
C ASN C 168 -20.12 -9.73 -11.51
N LEU C 169 -19.03 -8.96 -11.43
CA LEU C 169 -19.16 -7.51 -11.34
C LEU C 169 -19.75 -7.01 -12.66
N LYS C 170 -19.21 -7.52 -13.76
CA LYS C 170 -19.67 -7.16 -15.10
C LYS C 170 -21.16 -7.48 -15.26
N ARG C 171 -21.54 -8.69 -14.84
CA ARG C 171 -22.93 -9.11 -14.93
C ARG C 171 -23.81 -8.14 -14.16
N LYS C 172 -23.37 -7.81 -12.95
CA LYS C 172 -24.09 -6.90 -12.08
C LYS C 172 -24.19 -5.53 -12.75
N VAL C 173 -23.08 -5.05 -13.30
CA VAL C 173 -23.08 -3.75 -13.96
C VAL C 173 -24.04 -3.74 -15.14
N ASP C 174 -24.01 -4.80 -15.95
CA ASP C 174 -24.89 -4.88 -17.12
C ASP C 174 -26.37 -4.89 -16.75
N ALA C 175 -26.68 -5.17 -15.49
CA ALA C 175 -28.07 -5.19 -15.06
C ALA C 175 -28.65 -3.77 -15.01
N GLY C 176 -27.77 -2.77 -15.03
CA GLY C 176 -28.23 -1.39 -15.00
C GLY C 176 -27.66 -0.58 -13.85
N VAL C 177 -26.33 -0.58 -13.74
CA VAL C 177 -25.64 0.13 -12.68
C VAL C 177 -25.01 1.43 -13.18
N ASN C 178 -25.03 2.47 -12.35
CA ASN C 178 -24.45 3.76 -12.71
C ASN C 178 -23.00 3.85 -12.28
N ARG C 179 -22.64 3.14 -11.22
CA ARG C 179 -21.26 3.18 -10.72
C ARG C 179 -20.99 2.05 -9.74
N ALA C 180 -19.71 1.75 -9.54
CA ALA C 180 -19.32 0.71 -8.59
C ALA C 180 -18.48 1.42 -7.55
N ILE C 181 -18.58 0.99 -6.30
CA ILE C 181 -17.80 1.59 -5.22
C ILE C 181 -16.98 0.46 -4.63
N THR C 182 -15.67 0.65 -4.55
CA THR C 182 -14.82 -0.40 -4.03
C THR C 182 -14.77 -0.50 -2.52
N GLN C 183 -14.48 -1.72 -2.08
CA GLN C 183 -14.27 -2.05 -0.68
C GLN C 183 -13.04 -1.20 -0.36
N PHE C 184 -12.77 -0.90 0.91
CA PHE C 184 -11.59 -0.11 1.21
C PHE C 184 -10.33 -0.91 0.92
N PHE C 185 -9.21 -0.21 0.77
CA PHE C 185 -7.93 -0.84 0.47
C PHE C 185 -6.78 0.05 0.91
N PHE C 186 -5.61 -0.53 1.18
CA PHE C 186 -4.47 0.28 1.57
C PHE C 186 -3.31 0.13 0.61
N ASP C 187 -3.45 -0.83 -0.30
CA ASP C 187 -2.46 -1.08 -1.34
C ASP C 187 -3.04 -0.39 -2.57
N VAL C 188 -2.59 0.85 -2.82
CA VAL C 188 -3.09 1.62 -3.95
C VAL C 188 -2.96 0.91 -5.29
N GLU C 189 -1.86 0.19 -5.50
CA GLU C 189 -1.68 -0.52 -6.76
C GLU C 189 -2.79 -1.55 -6.94
N SER C 190 -3.18 -2.18 -5.85
CA SER C 190 -4.24 -3.18 -5.92
C SER C 190 -5.48 -2.57 -6.56
N TYR C 191 -5.78 -1.32 -6.22
CA TYR C 191 -6.94 -0.64 -6.80
C TYR C 191 -6.70 -0.28 -8.26
N LEU C 192 -5.51 0.24 -8.55
CA LEU C 192 -5.18 0.63 -9.91
C LEU C 192 -5.22 -0.55 -10.86
N ARG C 193 -4.62 -1.67 -10.46
CA ARG C 193 -4.62 -2.86 -11.29
C ARG C 193 -6.05 -3.34 -11.52
N PHE C 194 -6.86 -3.29 -10.46
CA PHE C 194 -8.25 -3.72 -10.58
C PHE C 194 -8.99 -2.81 -11.58
N ARG C 195 -8.83 -1.49 -11.44
CA ARG C 195 -9.50 -0.59 -12.37
C ARG C 195 -9.17 -0.97 -13.82
N ASP C 196 -7.90 -1.26 -14.09
CA ASP C 196 -7.50 -1.66 -15.45
C ASP C 196 -8.20 -2.96 -15.88
N ARG C 197 -8.27 -3.94 -14.98
CA ARG C 197 -8.92 -5.20 -15.34
C ARG C 197 -10.40 -4.96 -15.65
N CYS C 198 -11.03 -4.06 -14.90
CA CYS C 198 -12.44 -3.75 -15.14
C CYS C 198 -12.61 -3.18 -16.55
N VAL C 199 -11.76 -2.24 -16.93
CA VAL C 199 -11.83 -1.65 -18.27
C VAL C 199 -11.61 -2.74 -19.32
N SER C 200 -10.60 -3.58 -19.13
CA SER C 200 -10.33 -4.66 -20.09
C SER C 200 -11.55 -5.59 -20.20
N ALA C 201 -12.28 -5.73 -19.10
CA ALA C 201 -13.46 -6.60 -19.06
C ALA C 201 -14.72 -5.96 -19.65
N GLY C 202 -14.61 -4.74 -20.14
CA GLY C 202 -15.76 -4.08 -20.73
C GLY C 202 -16.68 -3.40 -19.74
N ILE C 203 -16.21 -3.19 -18.52
CA ILE C 203 -17.02 -2.52 -17.51
C ILE C 203 -16.68 -1.05 -17.71
N ASP C 204 -17.66 -0.28 -18.20
CA ASP C 204 -17.46 1.13 -18.50
C ASP C 204 -17.82 2.15 -17.43
N VAL C 205 -18.55 1.73 -16.39
CA VAL C 205 -18.90 2.68 -15.34
C VAL C 205 -17.68 3.01 -14.49
N GLU C 206 -17.76 4.10 -13.74
CA GLU C 206 -16.65 4.50 -12.90
C GLU C 206 -16.47 3.54 -11.73
N ILE C 207 -15.22 3.23 -11.40
CA ILE C 207 -14.90 2.35 -10.29
C ILE C 207 -14.37 3.31 -9.22
N ILE C 208 -15.28 3.79 -8.38
CA ILE C 208 -14.93 4.76 -7.35
C ILE C 208 -14.26 4.13 -6.14
N PRO C 209 -13.03 4.57 -5.83
CA PRO C 209 -12.35 4.00 -4.67
C PRO C 209 -13.03 4.39 -3.37
N GLY C 210 -13.27 3.40 -2.52
CA GLY C 210 -13.86 3.65 -1.22
C GLY C 210 -12.66 3.88 -0.33
N ILE C 211 -12.59 5.05 0.29
CA ILE C 211 -11.45 5.41 1.14
C ILE C 211 -11.77 5.32 2.63
N LEU C 212 -10.93 4.61 3.37
CA LEU C 212 -11.13 4.49 4.80
C LEU C 212 -10.03 5.22 5.57
N PRO C 213 -10.34 6.43 6.10
CA PRO C 213 -9.36 7.20 6.87
C PRO C 213 -9.19 6.42 8.17
N VAL C 214 -7.97 6.07 8.54
CA VAL C 214 -7.75 5.27 9.74
C VAL C 214 -7.23 5.98 10.98
N SER C 215 -8.02 5.93 12.05
CA SER C 215 -7.63 6.52 13.34
C SER C 215 -7.54 5.38 14.35
N ASN C 216 -8.43 4.40 14.24
CA ASN C 216 -8.41 3.26 15.13
C ASN C 216 -7.90 2.09 14.27
N PHE C 217 -6.59 1.86 14.32
CA PHE C 217 -5.97 0.78 13.54
C PHE C 217 -6.42 -0.61 13.97
N LYS C 218 -6.50 -0.84 15.28
CA LYS C 218 -6.91 -2.14 15.77
C LYS C 218 -8.25 -2.53 15.15
N GLN C 219 -9.21 -1.61 15.16
CA GLN C 219 -10.52 -1.90 14.58
C GLN C 219 -10.45 -2.08 13.06
N ALA C 220 -9.62 -1.27 12.40
CA ALA C 220 -9.49 -1.36 10.94
C ALA C 220 -8.88 -2.71 10.55
N LYS C 221 -7.89 -3.15 11.32
CA LYS C 221 -7.21 -4.41 11.05
C LYS C 221 -8.17 -5.59 11.17
N LYS C 222 -9.05 -5.54 12.17
CA LYS C 222 -9.97 -6.64 12.36
C LYS C 222 -10.97 -6.69 11.22
N PHE C 223 -11.36 -5.52 10.72
CA PHE C 223 -12.31 -5.48 9.62
C PHE C 223 -11.61 -5.93 8.33
N ALA C 224 -10.35 -5.51 8.17
CA ALA C 224 -9.59 -5.88 6.98
C ALA C 224 -9.30 -7.39 6.92
N ASP C 225 -8.81 -7.95 8.01
CA ASP C 225 -8.52 -9.38 8.06
C ASP C 225 -9.77 -10.19 7.74
N MET C 226 -10.91 -9.60 8.08
CA MET C 226 -12.22 -10.19 7.89
C MET C 226 -12.77 -10.02 6.47
N THR C 227 -12.14 -9.14 5.69
CA THR C 227 -12.59 -8.90 4.33
C THR C 227 -11.50 -9.13 3.29
N ASN C 228 -10.39 -9.72 3.71
CA ASN C 228 -9.27 -10.03 2.84
C ASN C 228 -8.57 -8.80 2.25
N VAL C 229 -8.72 -7.67 2.94
CA VAL C 229 -8.06 -6.44 2.50
C VAL C 229 -6.66 -6.49 3.09
N ARG C 230 -5.65 -6.33 2.25
CA ARG C 230 -4.26 -6.40 2.72
C ARG C 230 -3.76 -5.12 3.37
N ILE C 231 -3.07 -5.28 4.50
CA ILE C 231 -2.47 -4.18 5.25
C ILE C 231 -0.97 -4.22 4.96
N PRO C 232 -0.46 -3.24 4.20
CA PRO C 232 0.98 -3.26 3.92
C PRO C 232 1.82 -3.23 5.19
N ALA C 233 3.01 -3.85 5.12
CA ALA C 233 3.89 -3.92 6.28
C ALA C 233 4.24 -2.54 6.84
N TRP C 234 4.47 -1.58 5.95
CA TRP C 234 4.83 -0.24 6.42
C TRP C 234 3.68 0.40 7.21
N MET C 235 2.46 0.02 6.87
CA MET C 235 1.30 0.58 7.56
C MET C 235 1.15 0.04 8.98
N ALA C 236 1.18 -1.27 9.14
CA ALA C 236 1.08 -1.87 10.46
C ALA C 236 2.21 -1.33 11.33
N GLN C 237 3.38 -1.15 10.72
CA GLN C 237 4.56 -0.63 11.40
C GLN C 237 4.30 0.80 11.86
N MET C 238 3.59 1.55 11.02
CA MET C 238 3.27 2.94 11.29
C MET C 238 2.33 3.10 12.49
N PHE C 239 1.48 2.11 12.75
CA PHE C 239 0.57 2.20 13.88
C PHE C 239 1.05 1.44 15.11
N ASP C 240 2.20 0.79 14.97
CA ASP C 240 2.77 0.04 16.07
C ASP C 240 3.14 0.98 17.22
N GLY C 241 2.72 0.62 18.43
CA GLY C 241 3.01 1.43 19.60
C GLY C 241 2.11 2.63 19.81
N LEU C 242 0.98 2.69 19.11
CA LEU C 242 0.08 3.82 19.24
C LEU C 242 -1.28 3.44 19.81
N ASP C 243 -1.39 2.23 20.34
CA ASP C 243 -2.66 1.76 20.91
C ASP C 243 -3.31 2.75 21.87
N ASP C 244 -2.49 3.43 22.68
CA ASP C 244 -3.02 4.39 23.64
C ASP C 244 -2.71 5.85 23.28
N ASP C 245 -2.44 6.11 22.00
CA ASP C 245 -2.12 7.47 21.55
C ASP C 245 -3.03 7.86 20.38
N ALA C 246 -4.25 8.29 20.71
CA ALA C 246 -5.23 8.65 19.69
C ALA C 246 -4.80 9.83 18.80
N GLU C 247 -4.18 10.83 19.41
CA GLU C 247 -3.74 12.02 18.67
C GLU C 247 -2.72 11.67 17.58
N THR C 248 -1.74 10.83 17.89
CA THR C 248 -0.75 10.46 16.88
C THR C 248 -1.39 9.58 15.81
N ARG C 249 -2.34 8.74 16.20
CA ARG C 249 -3.01 7.87 15.24
C ARG C 249 -3.78 8.69 14.23
N LYS C 250 -4.39 9.77 14.69
CA LYS C 250 -5.17 10.62 13.80
C LYS C 250 -4.27 11.37 12.82
N LEU C 251 -3.13 11.86 13.31
CA LEU C 251 -2.20 12.60 12.45
C LEU C 251 -1.59 11.64 11.41
N VAL C 252 -1.12 10.49 11.90
CA VAL C 252 -0.52 9.48 11.03
C VAL C 252 -1.55 8.94 10.02
N GLY C 253 -2.76 8.64 10.49
CA GLY C 253 -3.80 8.15 9.60
C GLY C 253 -4.24 9.17 8.57
N ALA C 254 -4.24 10.45 8.94
CA ALA C 254 -4.63 11.50 8.01
C ALA C 254 -3.57 11.60 6.93
N ASN C 255 -2.31 11.46 7.34
CA ASN C 255 -1.18 11.50 6.41
C ASN C 255 -1.34 10.40 5.37
N ILE C 256 -1.58 9.18 5.86
CA ILE C 256 -1.74 8.02 4.98
C ILE C 256 -2.86 8.23 3.96
N ALA C 257 -4.00 8.71 4.43
CA ALA C 257 -5.16 8.94 3.56
C ALA C 257 -4.94 10.04 2.53
N MET C 258 -4.36 11.16 2.96
CA MET C 258 -4.10 12.27 2.05
C MET C 258 -3.12 11.83 0.95
N ASP C 259 -2.14 11.03 1.33
CA ASP C 259 -1.15 10.50 0.39
C ASP C 259 -1.88 9.63 -0.61
N MET C 260 -2.69 8.71 -0.11
CA MET C 260 -3.45 7.81 -0.96
C MET C 260 -4.29 8.55 -2.00
N VAL C 261 -5.09 9.50 -1.56
CA VAL C 261 -5.93 10.23 -2.50
C VAL C 261 -5.11 11.11 -3.45
N LYS C 262 -3.95 11.56 -3.00
CA LYS C 262 -3.10 12.39 -3.88
C LYS C 262 -2.65 11.52 -5.06
N ILE C 263 -2.15 10.33 -4.76
CA ILE C 263 -1.70 9.38 -5.77
C ILE C 263 -2.84 8.97 -6.70
N LEU C 264 -3.97 8.61 -6.11
CA LEU C 264 -5.14 8.21 -6.91
C LEU C 264 -5.53 9.33 -7.84
N SER C 265 -5.53 10.55 -7.32
CA SER C 265 -5.88 11.75 -8.08
C SER C 265 -4.92 11.92 -9.25
N ARG C 266 -3.63 11.76 -8.98
CA ARG C 266 -2.63 11.89 -10.03
C ARG C 266 -2.82 10.78 -11.07
N GLU C 267 -3.42 9.66 -10.65
CA GLU C 267 -3.66 8.55 -11.55
C GLU C 267 -4.98 8.69 -12.28
N GLY C 268 -5.56 9.89 -12.23
CA GLY C 268 -6.81 10.12 -12.92
C GLY C 268 -8.11 9.87 -12.17
N VAL C 269 -8.03 9.50 -10.89
CA VAL C 269 -9.27 9.27 -10.13
C VAL C 269 -9.94 10.60 -9.85
N LYS C 270 -11.20 10.72 -10.27
CA LYS C 270 -11.96 11.96 -10.09
C LYS C 270 -13.15 11.81 -9.16
N ASP C 271 -13.26 10.64 -8.52
CA ASP C 271 -14.37 10.38 -7.62
C ASP C 271 -13.86 9.59 -6.42
N PHE C 272 -14.29 10.00 -5.22
CA PHE C 272 -13.91 9.34 -3.98
C PHE C 272 -15.12 9.12 -3.07
N HIS C 273 -15.20 7.94 -2.45
CA HIS C 273 -16.29 7.63 -1.54
C HIS C 273 -15.62 7.39 -0.18
N PHE C 274 -15.99 8.19 0.83
CA PHE C 274 -15.36 8.07 2.15
C PHE C 274 -16.16 7.33 3.21
N TYR C 275 -15.51 6.36 3.84
CA TYR C 275 -16.11 5.58 4.92
C TYR C 275 -15.82 6.41 6.17
N THR C 276 -16.72 7.32 6.49
CA THR C 276 -16.52 8.23 7.62
C THR C 276 -16.59 7.63 9.00
N LEU C 277 -17.27 6.50 9.13
CA LEU C 277 -17.46 5.87 10.45
C LEU C 277 -18.13 6.93 11.32
N ASN C 278 -18.94 7.76 10.66
CA ASN C 278 -19.70 8.83 11.30
C ASN C 278 -18.90 10.00 11.88
N ARG C 279 -17.61 10.06 11.58
CA ARG C 279 -16.77 11.16 12.06
C ARG C 279 -16.40 12.01 10.85
N ALA C 280 -16.39 13.32 11.01
CA ALA C 280 -16.10 14.20 9.88
C ALA C 280 -14.69 14.78 9.77
N GLU C 281 -14.02 14.96 10.91
CA GLU C 281 -12.70 15.59 10.91
C GLU C 281 -11.71 15.09 9.85
N MET C 282 -11.43 13.79 9.85
CA MET C 282 -10.47 13.27 8.88
C MET C 282 -10.92 13.43 7.42
N SER C 283 -12.13 12.97 7.11
CA SER C 283 -12.63 13.10 5.74
C SER C 283 -12.70 14.55 5.27
N TYR C 284 -13.09 15.46 6.15
CA TYR C 284 -13.19 16.86 5.81
C TYR C 284 -11.82 17.41 5.39
N ALA C 285 -10.80 17.07 6.17
CA ALA C 285 -9.44 17.52 5.89
C ALA C 285 -8.91 16.92 4.59
N ILE C 286 -9.16 15.63 4.38
CA ILE C 286 -8.69 14.98 3.17
C ILE C 286 -9.35 15.65 1.96
N CYS C 287 -10.65 15.88 2.04
CA CYS C 287 -11.33 16.54 0.94
C CYS C 287 -10.69 17.91 0.70
N HIS C 288 -10.37 18.61 1.78
CA HIS C 288 -9.74 19.92 1.64
C HIS C 288 -8.47 19.84 0.79
N THR C 289 -7.60 18.88 1.09
CA THR C 289 -6.35 18.72 0.34
C THR C 289 -6.61 18.35 -1.11
N LEU C 290 -7.83 17.91 -1.39
CA LEU C 290 -8.22 17.51 -2.73
C LEU C 290 -8.84 18.70 -3.48
N GLY C 291 -8.92 19.85 -2.82
CA GLY C 291 -9.48 21.03 -3.45
C GLY C 291 -11.00 21.10 -3.29
N VAL C 292 -11.55 20.17 -2.51
CA VAL C 292 -12.99 20.10 -2.27
C VAL C 292 -13.26 20.91 -1.01
N ARG C 293 -13.74 22.14 -1.20
CA ARG C 293 -13.98 23.02 -0.06
C ARG C 293 -15.37 23.64 -0.07
N PRO C 294 -15.80 24.19 1.08
CA PRO C 294 -17.13 24.81 1.14
C PRO C 294 -17.28 26.03 0.23
N GLY C 295 -18.46 26.21 -0.32
CA GLY C 295 -18.71 27.35 -1.18
C GLY C 295 -19.32 28.49 -0.40
N LEU C 296 -18.58 29.00 0.58
CA LEU C 296 -19.05 30.09 1.42
C LEU C 296 -18.84 31.47 0.77
PA FAD D . 25.62 35.51 10.99
O1A FAD D . 26.61 36.37 11.71
O2A FAD D . 25.99 34.12 10.67
O5B FAD D . 25.13 36.20 9.65
C5B FAD D . 24.30 37.37 9.47
C4B FAD D . 24.52 38.17 8.19
O4B FAD D . 25.88 38.69 8.17
C3B FAD D . 24.35 37.35 6.92
O3B FAD D . 23.63 38.09 5.92
C2B FAD D . 25.74 37.00 6.46
O2B FAD D . 25.84 36.74 5.04
C1B FAD D . 26.57 38.17 7.01
N9A FAD D . 27.92 37.71 7.42
C8A FAD D . 28.27 36.82 8.43
N7A FAD D . 29.48 36.95 8.88
C5A FAD D . 29.98 38.00 8.14
C6A FAD D . 31.23 38.62 8.16
N6A FAD D . 32.16 38.19 8.99
N1A FAD D . 31.43 39.65 7.30
C2A FAD D . 30.43 40.02 6.48
N3A FAD D . 29.21 39.51 6.36
C4A FAD D . 29.06 38.48 7.24
N1 FAD D . 17.87 34.91 17.03
C2 FAD D . 17.81 35.31 18.31
O2 FAD D . 17.94 36.50 18.61
N3 FAD D . 17.70 34.32 19.25
C4 FAD D . 17.67 32.93 19.04
O4 FAD D . 17.51 32.18 20.00
C4X FAD D . 17.78 32.56 17.67
N5 FAD D . 17.89 31.19 17.44
C5X FAD D . 18.03 30.81 16.11
C6 FAD D . 18.10 29.38 15.88
C7 FAD D . 18.13 28.84 14.57
C7M FAD D . 18.21 27.32 14.44
C8 FAD D . 18.10 29.75 13.41
C8M FAD D . 18.03 29.34 11.93
C9 FAD D . 18.03 31.13 13.64
C9A FAD D . 18.00 31.70 14.98
N10 FAD D . 17.94 33.13 15.33
C10 FAD D . 17.86 33.58 16.73
C1' FAD D . 17.96 34.18 14.30
C2' FAD D . 19.27 34.78 13.90
O2' FAD D . 20.02 35.28 15.04
C3' FAD D . 19.07 35.77 12.79
O3' FAD D . 18.74 35.11 11.55
C4' FAD D . 20.26 36.75 12.57
O4' FAD D . 19.80 37.81 11.78
C5' FAD D . 21.50 36.10 11.95
O5' FAD D . 22.23 35.28 12.86
P FAD D . 23.42 34.29 12.39
O1P FAD D . 24.00 33.66 13.58
O2P FAD D . 22.97 33.53 11.24
O3P FAD D . 24.32 35.50 11.88
C5 4HF E . 14.25 31.13 15.93
C4A 4HF E . 14.45 32.33 15.00
C4 4HF E . 14.61 33.64 15.48
O4 4HF E . 14.61 33.85 16.69
N3 4HF E . 14.76 34.73 14.59
C2 4HF E . 14.78 34.49 13.21
N2 4HF E . 14.93 35.50 12.35
N1 4HF E . 14.63 33.23 12.75
C8A 4HF E . 14.46 32.17 13.59
N8 4HF E . 14.30 30.93 13.07
C7 4HF E . 14.09 29.70 13.88
C6 4HF E . 13.42 30.03 15.24
C9 4HF E . 11.98 30.56 15.01
C10 4HF E . 11.05 29.50 14.42
C3' 4HF E . 9.62 30.02 14.26
S2' 4HF E . 8.74 30.82 15.59
C4' 4HF E . 8.79 29.97 13.19
C5' 4HF E . 7.52 30.51 13.37
C1' 4HF E . 7.28 31.02 14.60
C11 4HF E . 5.97 31.64 15.08
O11 4HF E . 4.96 31.61 14.38
N 4HF E . 6.01 32.19 16.30
CA 4HF E . 4.85 32.83 16.97
C 4HF E . 4.45 34.13 16.24
OX1 4HF E . 5.32 34.67 15.51
OX2 4HF E . 3.29 34.56 16.42
CB 4HF E . 5.17 33.15 18.43
CG 4HF E . 5.41 31.89 19.27
CD 4HF E . 4.12 31.05 19.43
OE1 4HF E . 3.60 30.59 18.40
OE2 4HF E . 3.70 30.90 20.61
PA FAD F . -8.08 -29.95 -26.25
O1A FAD F . -9.03 -30.99 -26.69
O2A FAD F . -8.51 -28.92 -25.27
O5B FAD F . -7.48 -29.15 -27.52
C5B FAD F . -6.63 -29.56 -28.63
C4B FAD F . -6.92 -28.86 -29.97
O4B FAD F . -8.22 -29.23 -30.49
C3B FAD F . -6.96 -27.32 -29.79
O3B FAD F . -6.27 -26.76 -30.89
C2B FAD F . -8.42 -26.95 -29.71
O2B FAD F . -8.60 -25.60 -30.07
C1B FAD F . -8.99 -28.04 -30.66
N9A FAD F . -10.38 -28.43 -30.50
C8A FAD F . -11.13 -28.67 -29.38
N7A FAD F . -12.35 -29.05 -29.61
C5A FAD F . -12.42 -29.07 -31.01
C6A FAD F . -13.43 -29.44 -31.90
N6A FAD F . -14.60 -29.92 -31.47
N1A FAD F . -13.15 -29.38 -33.23
C2A FAD F . -11.94 -29.01 -33.64
N3A FAD F . -10.90 -28.64 -32.90
C4A FAD F . -11.22 -28.70 -31.56
N1 FAD F . 0.03 -34.48 -23.05
C2 FAD F . 0.18 -35.78 -22.86
O2 FAD F . 0.05 -36.53 -23.82
N3 FAD F . 0.33 -36.19 -21.53
C4 FAD F . 0.32 -35.39 -20.39
O4 FAD F . 0.40 -35.95 -19.29
C4X FAD F . 0.12 -33.97 -20.66
N5 FAD F . 0.01 -33.10 -19.55
C5X FAD F . -0.17 -31.75 -19.86
C6 FAD F . -0.27 -30.84 -18.76
C7 FAD F . -0.43 -29.44 -18.94
C7M FAD F . -0.57 -28.53 -17.68
C8 FAD F . -0.49 -28.90 -20.31
C8M FAD F . -0.56 -27.37 -20.67
C9 FAD F . -0.39 -29.77 -21.37
C9A FAD F . -0.24 -31.19 -21.20
N10 FAD F . -0.20 -32.18 -22.29
C10 FAD F . 0.00 -33.61 -22.01
C1' FAD F . -0.19 -31.76 -23.70
C2' FAD F . -1.51 -31.76 -24.39
O2' FAD F . -2.22 -33.00 -24.24
C3' FAD F . -1.40 -31.25 -25.84
O3' FAD F . -1.16 -29.84 -25.80
C4' FAD F . -2.61 -31.66 -26.72
O4' FAD F . -2.31 -31.44 -28.09
C5' FAD F . -3.91 -30.96 -26.40
O5' FAD F . -4.55 -31.32 -25.18
P FAD F . -5.71 -30.47 -24.61
O1P FAD F . -6.29 -31.21 -23.47
O2P FAD F . -5.30 -29.06 -24.47
O3P FAD F . -6.71 -30.65 -25.86
C5 4HF G . 3.59 -31.56 -20.30
C4A 4HF G . 3.36 -31.35 -21.80
C4 4HF G . 3.28 -32.41 -22.71
O4 4HF G . 3.42 -33.57 -22.30
N3 4HF G . 3.08 -32.17 -24.07
C2 4HF G . 2.95 -30.84 -24.54
N2 4HF G . 2.73 -30.60 -25.83
N1 4HF G . 3.02 -29.82 -23.65
C8A 4HF G . 3.22 -30.04 -22.32
N8 4HF G . 3.36 -28.98 -21.51
C7 4HF G . 3.64 -29.08 -20.04
C6 4HF G . 4.40 -30.40 -19.70
C9 4HF G . 5.81 -30.41 -20.33
C10 4HF G . 6.73 -29.33 -19.76
C3' 4HF G . 8.13 -29.41 -20.36
S2' 4HF G . 9.05 -30.93 -20.52
C4' 4HF G . 8.92 -28.40 -20.82
C5' 4HF G . 10.20 -28.78 -21.27
C1' 4HF G . 10.47 -30.10 -21.19
C11 4HF G . 11.79 -30.77 -21.58
O11 4HF G . 12.76 -30.09 -21.92
N 4HF G . 11.79 -32.10 -21.50
CA 4HF G . 12.97 -32.93 -21.84
C 4HF G . 13.33 -32.82 -23.33
OX1 4HF G . 12.45 -32.33 -24.09
OX2 4HF G . 14.47 -33.22 -23.67
CB 4HF G . 12.69 -34.40 -21.50
CG 4HF G . 12.47 -34.61 -20.00
CD 4HF G . 12.27 -36.09 -19.69
OE1 4HF G . 11.10 -36.47 -19.45
OE2 4HF G . 13.30 -36.81 -19.69
PA FAD H . -22.70 -9.89 -4.95
O1A FAD H . -23.85 -10.80 -5.17
O2A FAD H . -22.30 -8.90 -5.98
O5B FAD H . -21.40 -10.75 -4.67
C5B FAD H . -21.20 -11.74 -3.64
C4B FAD H . -20.45 -13.00 -4.04
O4B FAD H . -21.25 -13.81 -4.91
C3B FAD H . -19.12 -12.74 -4.72
O3B FAD H . -18.17 -13.67 -4.20
C2B FAD H . -19.46 -12.91 -6.19
O2B FAD H . -18.36 -13.13 -7.02
C1B FAD H . -20.52 -14.01 -6.12
N9A FAD H . -21.52 -14.01 -7.20
C8A FAD H . -22.28 -13.00 -7.81
N7A FAD H . -23.19 -13.46 -8.62
C5A FAD H . -23.04 -14.86 -8.56
C6A FAD H . -23.73 -15.92 -9.16
N6A FAD H . -24.72 -15.74 -10.05
N1A FAD H . -23.36 -17.17 -8.83
C2A FAD H . -22.37 -17.38 -7.96
N3A FAD H . -21.63 -16.47 -7.34
C4A FAD H . -22.03 -15.21 -7.70
N1 FAD H . -23.21 -5.19 3.68
C2 FAD H . -24.28 -4.98 4.49
O2 FAD H . -24.89 -5.90 5.01
N3 FAD H . -24.71 -3.66 4.60
C4 FAD H . -24.18 -2.54 3.96
O4 FAD H . -24.73 -1.47 4.16
C4X FAD H . -23.06 -2.82 3.09
N5 FAD H . -22.56 -1.75 2.35
C5X FAD H . -21.50 -2.01 1.49
C6 FAD H . -21.00 -0.89 0.73
C7 FAD H . -19.86 -1.01 -0.12
C7M FAD H . -19.42 0.22 -0.93
C8 FAD H . -19.18 -2.31 -0.23
C8M FAD H . -17.83 -2.51 -1.00
C9 FAD H . -19.68 -3.39 0.48
C9A FAD H . -20.84 -3.28 1.35
N10 FAD H . -21.48 -4.37 2.10
C10 FAD H . -22.63 -4.14 3.00
C1' FAD H . -20.87 -5.70 2.14
C2' FAD H . -21.45 -6.71 1.18
O2' FAD H . -22.88 -6.82 1.42
C3' FAD H . -20.72 -8.05 1.27
O3' FAD H . -19.41 -7.89 0.67
C4' FAD H . -21.51 -9.26 0.68
O4' FAD H . -20.90 -10.50 1.03
C5' FAD H . -21.61 -9.24 -0.83
O5' FAD H . -22.42 -8.24 -1.40
P FAD H . -22.41 -7.76 -2.91
O1P FAD H . -23.47 -6.75 -3.03
O2P FAD H . -21.05 -7.38 -3.31
O3P FAD H . -22.90 -9.17 -3.51
C5 4HF I . -19.77 -1.42 4.82
C4A 4HF I . -19.37 -2.89 4.74
C4 4HF I . -20.10 -3.90 5.38
O4 4HF I . -21.09 -3.62 6.05
N3 4HF I . -19.69 -5.24 5.27
C2 4HF I . -18.56 -5.58 4.50
N2 4HF I . -18.19 -6.85 4.38
N1 4HF I . -17.87 -4.60 3.89
C8A 4HF I . -18.23 -3.30 3.99
N8 4HF I . -17.46 -2.35 3.40
C7 4HF I . -17.73 -0.88 3.47
C6 4HF I . -18.54 -0.51 4.75
C9 4HF I . -17.68 -0.73 6.03
C10 4HF I . -16.51 0.24 6.13
C3' 4HF I . -15.76 0.03 7.44
S2' 4HF I . -16.55 -0.01 9.04
C4' 4HF I . -14.42 -0.14 7.64
C5' 4HF I . -14.01 -0.29 8.96
C1' 4HF I . -15.00 -0.25 9.88
C11 4HF I . -14.81 -0.38 11.40
O11 4HF I . -13.70 -0.60 11.88
N 4HF I . -15.93 -0.24 12.13
CA 4HF I . -15.91 -0.37 13.61
C 4HF I . -16.38 -1.76 14.02
OX1 4HF I . -15.52 -2.53 14.50
OX2 4HF I . -17.60 -2.03 13.85
CB 4HF I . -16.81 0.69 14.25
CG 4HF I . -16.26 2.11 14.05
CD 4HF I . -17.16 3.15 14.74
OE1 4HF I . -16.79 3.59 15.84
OE2 4HF I . -18.21 3.48 14.13
#